data_7KET
#
_entry.id   7KET
#
_cell.length_a   38.580
_cell.length_b   86.030
_cell.length_c   107.890
_cell.angle_alpha   90.000
_cell.angle_beta   96.907
_cell.angle_gamma   90.000
#
_symmetry.space_group_name_H-M   'P 1 21 1'
#
loop_
_entity.id
_entity.type
_entity.pdbx_description
1 polymer 'Immunoglobulin gamma, kappa light chain'
2 polymer 'Immunoglobulin gamma, heavy chain Fd fragment'
3 polymer 'Factor H binding protein'
4 water water
#
loop_
_entity_poly.entity_id
_entity_poly.type
_entity_poly.pdbx_seq_one_letter_code
_entity_poly.pdbx_strand_id
1 'polypeptide(L)'
;AEIVLTQSPGTLSLSPGERATLSCRASQSFSSFSLAWYQQKPGQAPRLLIYAPSNRATGIADRFSGSGSGTDFTLTISRL
EPEDFAVYYCQQYGSSPITFGQGTRLEIKRTVAAPSVFIFPPSDEQLKSGTASVVCLLNNFYPREAKVQWKVDNALQSGN
SQESVTEQDSKDSTYSLSSTLTLSKADYEKHKLYACEVTHQGLSSPVTKSFNRGECS
;
B
2 'polypeptide(L)'
;QVQLVESGGGLVQPGGSLRLSCVTSGFTFRSYAMTWVRQAPGKGLEWVSSISHSGGSTKYADSVKGRLTISRDDSMDTLY
LQMNSLRAEDTAIYYCAKDQISYPAASPLDYWGRGTLVTVSSASTKGPSVFPLAPSSKSTSGGTAALGCLVKDYFPEPVT
VSWNSGALTSGVHTFPAVLQSSGLYSLSSVVTVPSSSLGTQTYICNVNHKPSNTKVDKKVEPKSCDKLEHHHHHH
;
A
3 'polypeptide(L)'
;CSSGGGGVAADIGAGLADALTAPLDHKDKGLQSLTLDQSVRKNEKLKLAAQGAEKTYGNGDSLNTGKLKNDKVSRFDFIR
QIEVDGQLITLESGEFQVYKQSHSALTAFQTEQIQDSEHSGKMVAKRQFRIGDIAGEHTSFDKLPEGGRATYRGTAFGSD
DAGGKLTYTIDFAAKQGNGKIEHLKSPELNVDLAAADIKPDGKRHAVISGSVLYNQAEKGSYSLGIFGGKAQEVAGSAEV
KTVNGIRHIGLAAKQLEHHHHHH
;
C
#
# COMPACT_ATOMS: atom_id res chain seq x y z
N ILE A 3 -0.91 15.12 -8.78
CA ILE A 3 -1.25 14.52 -10.07
C ILE A 3 -2.55 13.74 -9.96
N VAL A 4 -3.59 14.23 -10.64
CA VAL A 4 -4.86 13.53 -10.72
C VAL A 4 -4.83 12.59 -11.92
N LEU A 5 -5.18 11.33 -11.69
CA LEU A 5 -5.28 10.35 -12.76
C LEU A 5 -6.74 10.06 -13.05
N THR A 6 -7.11 10.05 -14.33
CA THR A 6 -8.47 9.76 -14.77
C THR A 6 -8.42 8.63 -15.78
N GLN A 7 -9.12 7.54 -15.48
CA GLN A 7 -9.19 6.38 -16.36
C GLN A 7 -10.45 6.46 -17.21
N SER A 8 -10.27 6.55 -18.53
CA SER A 8 -11.38 6.57 -19.45
C SER A 8 -11.30 5.38 -20.40
N PRO A 9 -12.44 4.72 -20.70
CA PRO A 9 -13.73 5.04 -20.10
C PRO A 9 -13.94 4.32 -18.76
N GLY A 10 -15.09 4.55 -18.13
CA GLY A 10 -15.34 3.95 -16.83
C GLY A 10 -15.65 2.47 -16.90
N THR A 11 -16.29 2.03 -17.98
CA THR A 11 -16.67 0.63 -18.14
C THR A 11 -16.35 0.18 -19.55
N LEU A 12 -15.92 -1.08 -19.71
CA LEU A 12 -15.56 -1.66 -21.02
C LEU A 12 -16.20 -3.04 -21.12
N SER A 13 -17.12 -3.26 -22.05
CA SER A 13 -17.82 -4.51 -22.28
C SER A 13 -17.19 -5.20 -23.48
N LEU A 14 -16.50 -6.31 -23.25
CA LEU A 14 -15.78 -6.99 -24.31
C LEU A 14 -16.12 -8.47 -24.23
N SER A 15 -15.75 -9.20 -25.29
CA SER A 15 -15.87 -10.65 -25.31
C SER A 15 -14.52 -11.28 -25.01
N PRO A 16 -14.50 -12.55 -24.59
CA PRO A 16 -13.23 -13.28 -24.54
C PRO A 16 -12.61 -13.37 -25.93
N GLY A 17 -11.27 -13.34 -25.97
CA GLY A 17 -10.56 -13.32 -27.22
C GLY A 17 -10.48 -11.96 -27.88
N GLU A 18 -11.15 -10.95 -27.33
CA GLU A 18 -11.11 -9.61 -27.87
C GLU A 18 -9.97 -8.83 -27.22
N ARG A 19 -9.54 -7.76 -27.89
CA ARG A 19 -8.46 -6.93 -27.38
C ARG A 19 -9.02 -5.79 -26.54
N ALA A 20 -8.45 -5.58 -25.35
CA ALA A 20 -8.92 -4.55 -24.40
C ALA A 20 -7.92 -3.41 -24.32
N THR A 21 -8.36 -2.16 -24.43
CA THR A 21 -7.54 -0.97 -24.31
C THR A 21 -8.03 -0.15 -23.12
N LEU A 22 -7.16 0.05 -22.14
CA LEU A 22 -7.46 0.81 -20.94
C LEU A 22 -6.49 1.99 -20.86
N SER A 23 -7.03 3.19 -20.64
CA SER A 23 -6.26 4.42 -20.67
C SER A 23 -6.25 5.10 -19.31
N CYS A 24 -5.10 5.66 -18.93
CA CYS A 24 -4.91 6.41 -17.69
C CYS A 24 -4.21 7.72 -18.04
N ARG A 25 -4.81 8.87 -17.76
CA ARG A 25 -4.22 10.19 -18.11
C ARG A 25 -3.57 10.82 -16.87
N ALA A 26 -2.58 11.71 -17.00
CA ALA A 26 -1.72 12.24 -15.92
C ALA A 26 -2.20 13.64 -15.55
N SER A 27 -1.31 14.46 -14.97
CA SER A 27 -1.65 15.86 -14.56
C SER A 27 -3.02 15.88 -13.87
N PHE A 33 7.63 10.44 -15.90
CA PHE A 33 6.58 9.78 -15.09
C PHE A 33 7.13 8.49 -14.47
N SER A 34 6.30 7.77 -13.73
CA SER A 34 6.29 6.32 -13.56
CA SER A 34 6.30 6.33 -13.55
C SER A 34 4.89 5.91 -13.11
N LEU A 35 4.33 4.92 -13.79
CA LEU A 35 2.96 4.48 -13.51
C LEU A 35 2.95 2.97 -13.34
N ALA A 36 1.95 2.48 -12.61
CA ALA A 36 1.75 1.07 -12.39
C ALA A 36 0.28 0.72 -12.57
N TRP A 37 -0.01 -0.57 -12.70
CA TRP A 37 -1.36 -1.06 -12.92
C TRP A 37 -1.66 -2.18 -11.94
N TYR A 38 -2.91 -2.21 -11.45
CA TYR A 38 -3.35 -3.22 -10.50
C TYR A 38 -4.69 -3.79 -10.94
N GLN A 39 -4.94 -5.05 -10.56
CA GLN A 39 -6.18 -5.75 -10.87
C GLN A 39 -6.84 -6.21 -9.57
N GLN A 40 -8.16 -6.10 -9.51
CA GLN A 40 -8.93 -6.47 -8.33
C GLN A 40 -10.17 -7.22 -8.78
N LYS A 41 -10.23 -8.47 -8.33
CA LYS A 41 -11.35 -9.36 -8.72
C LYS A 41 -12.49 -9.21 -7.67
N PRO A 42 -13.80 -9.39 -7.99
CA PRO A 42 -14.86 -9.22 -6.99
C PRO A 42 -14.58 -10.00 -5.70
N GLY A 43 -14.54 -9.27 -4.58
CA GLY A 43 -14.34 -9.89 -3.28
C GLY A 43 -12.92 -10.27 -2.96
N GLN A 44 -11.95 -9.74 -3.69
CA GLN A 44 -10.53 -10.05 -3.45
C GLN A 44 -9.73 -8.77 -3.34
N ALA A 45 -8.52 -8.91 -2.81
CA ALA A 45 -7.61 -7.79 -2.69
C ALA A 45 -7.02 -7.45 -4.06
N PRO A 46 -6.55 -6.21 -4.24
CA PRO A 46 -5.84 -5.87 -5.47
C PRO A 46 -4.54 -6.64 -5.61
N ARG A 47 -4.06 -6.70 -6.85
CA ARG A 47 -2.80 -7.38 -7.17
C ARG A 47 -2.04 -6.51 -8.15
N LEU A 48 -0.71 -6.63 -8.13
CA LEU A 48 0.12 -5.88 -9.06
C LEU A 48 0.09 -6.55 -10.43
N LEU A 49 -0.19 -5.77 -11.47
CA LEU A 49 -0.30 -6.31 -12.82
C LEU A 49 0.98 -6.06 -13.61
N ILE A 50 1.21 -4.80 -14.00
CA ILE A 50 2.45 -4.41 -14.65
C ILE A 50 3.02 -3.19 -13.93
N TYR A 51 4.24 -2.83 -14.30
CA TYR A 51 4.84 -1.58 -13.82
C TYR A 51 5.82 -1.09 -14.88
N ALA A 52 6.21 0.18 -14.73
CA ALA A 52 6.91 0.90 -15.79
C ALA A 52 8.22 0.22 -16.14
N PRO A 53 8.53 0.04 -17.44
CA PRO A 53 7.64 0.45 -18.54
C PRO A 53 6.53 -0.57 -18.83
N SER A 54 6.90 -1.84 -18.95
CA SER A 54 5.92 -2.90 -19.15
C SER A 54 6.36 -4.19 -18.46
N ASN A 55 7.07 -4.07 -17.34
CA ASN A 55 7.46 -5.25 -16.58
C ASN A 55 6.23 -5.88 -15.93
N ARG A 56 6.23 -7.20 -15.86
CA ARG A 56 5.09 -7.95 -15.35
C ARG A 56 5.45 -8.65 -14.05
N ALA A 57 4.50 -8.68 -13.12
CA ALA A 57 4.72 -9.34 -11.84
C ALA A 57 4.74 -10.86 -12.03
N THR A 58 5.24 -11.55 -11.01
CA THR A 58 5.35 -13.00 -11.07
C THR A 58 3.98 -13.64 -11.12
N GLY A 59 3.76 -14.50 -12.11
CA GLY A 59 2.47 -15.12 -12.32
C GLY A 59 1.52 -14.33 -13.18
N ILE A 60 1.99 -13.25 -13.81
CA ILE A 60 1.18 -12.45 -14.73
C ILE A 60 1.57 -12.82 -16.14
N ALA A 61 0.62 -13.34 -16.91
CA ALA A 61 0.92 -13.83 -18.24
C ALA A 61 1.28 -12.69 -19.19
N ASP A 62 1.86 -13.06 -20.33
CA ASP A 62 2.27 -12.09 -21.35
C ASP A 62 1.10 -11.42 -22.04
N ARG A 63 -0.15 -11.80 -21.71
CA ARG A 63 -1.31 -11.14 -22.29
C ARG A 63 -1.30 -9.65 -22.03
N PHE A 64 -0.78 -9.24 -20.89
CA PHE A 64 -0.84 -7.85 -20.45
C PHE A 64 0.42 -7.10 -20.85
N SER A 65 0.25 -5.84 -21.25
CA SER A 65 1.37 -5.00 -21.64
C SER A 65 0.96 -3.54 -21.50
N GLY A 66 1.94 -2.68 -21.25
CA GLY A 66 1.71 -1.27 -21.13
C GLY A 66 2.63 -0.48 -22.05
N SER A 67 2.22 0.75 -22.33
CA SER A 67 2.96 1.61 -23.24
C SER A 67 2.61 3.07 -22.94
N GLY A 68 3.20 3.97 -23.69
CA GLY A 68 2.90 5.37 -23.60
C GLY A 68 3.88 6.14 -22.71
N SER A 69 4.01 7.42 -22.97
CA SER A 69 4.76 8.33 -22.12
C SER A 69 4.03 9.67 -22.13
N GLY A 70 4.65 10.70 -21.55
CA GLY A 70 3.98 11.98 -21.47
C GLY A 70 2.82 11.96 -20.50
N THR A 71 1.60 12.03 -21.01
CA THR A 71 0.40 11.98 -20.18
C THR A 71 -0.38 10.71 -20.39
N ASP A 72 -0.43 10.24 -21.63
CA ASP A 72 -1.31 9.17 -22.07
C ASP A 72 -0.61 7.84 -21.85
N PHE A 73 -1.18 7.02 -20.96
CA PHE A 73 -0.67 5.69 -20.67
C PHE A 73 -1.78 4.68 -20.90
N THR A 74 -1.38 3.47 -21.32
CA THR A 74 -2.32 2.48 -21.79
C THR A 74 -1.96 1.10 -21.24
N LEU A 75 -2.98 0.36 -20.82
CA LEU A 75 -2.85 -1.04 -20.45
C LEU A 75 -3.55 -1.87 -21.52
N THR A 76 -2.80 -2.76 -22.17
CA THR A 76 -3.28 -3.55 -23.28
C THR A 76 -3.32 -5.02 -22.89
N ILE A 77 -4.51 -5.62 -22.95
CA ILE A 77 -4.68 -7.06 -22.82
C ILE A 77 -4.93 -7.60 -24.21
N SER A 78 -3.99 -8.40 -24.73
CA SER A 78 -4.07 -8.86 -26.11
C SER A 78 -5.27 -9.76 -26.32
N ARG A 79 -5.33 -10.88 -25.62
CA ARG A 79 -6.43 -11.83 -25.73
C ARG A 79 -7.15 -11.86 -24.38
N LEU A 80 -8.39 -11.38 -24.38
CA LEU A 80 -9.15 -11.38 -23.13
C LEU A 80 -9.42 -12.82 -22.72
N GLU A 81 -9.28 -13.12 -21.48
CA GLU A 81 -9.66 -14.38 -20.86
C GLU A 81 -10.79 -14.15 -19.87
N PRO A 82 -11.65 -15.15 -19.64
CA PRO A 82 -12.81 -14.92 -18.74
C PRO A 82 -12.40 -14.47 -17.34
N GLU A 83 -11.18 -14.80 -16.90
CA GLU A 83 -10.70 -14.35 -15.60
C GLU A 83 -10.15 -12.93 -15.63
N ASP A 84 -9.91 -12.37 -16.82
CA ASP A 84 -9.38 -11.02 -16.94
C ASP A 84 -10.45 -9.93 -16.81
N PHE A 85 -11.70 -10.31 -16.59
CA PHE A 85 -12.80 -9.35 -16.49
C PHE A 85 -12.93 -8.93 -15.03
N ALA A 86 -12.37 -7.76 -14.70
CA ALA A 86 -12.39 -7.23 -13.35
C ALA A 86 -12.22 -5.71 -13.46
N VAL A 87 -11.84 -5.09 -12.34
CA VAL A 87 -11.57 -3.65 -12.30
C VAL A 87 -10.06 -3.44 -12.26
N TYR A 88 -9.60 -2.43 -12.99
CA TYR A 88 -8.18 -2.12 -13.09
C TYR A 88 -7.93 -0.69 -12.64
N TYR A 89 -6.99 -0.52 -11.72
CA TYR A 89 -6.59 0.80 -11.23
C TYR A 89 -5.17 1.09 -11.69
N CYS A 90 -4.95 2.34 -12.16
CA CYS A 90 -3.61 2.85 -12.51
C CYS A 90 -3.08 3.52 -11.25
N GLN A 91 -1.78 3.75 -11.10
CA GLN A 91 -1.20 4.32 -9.86
C GLN A 91 0.19 4.87 -10.11
N GLN A 92 0.39 6.17 -9.96
CA GLN A 92 1.70 6.81 -10.12
C GLN A 92 2.42 6.78 -8.77
N TYR A 93 3.75 6.55 -8.73
CA TYR A 93 4.52 6.55 -7.50
C TYR A 93 5.75 7.46 -7.52
N GLY A 94 6.24 7.84 -8.69
CA GLY A 94 7.45 8.66 -8.77
C GLY A 94 7.24 10.11 -8.37
N SER A 95 6.08 10.41 -7.79
CA SER A 95 5.78 11.77 -7.35
C SER A 95 4.84 11.69 -6.15
N SER A 96 5.30 12.17 -5.01
CA SER A 96 4.43 12.19 -3.82
C SER A 96 3.46 13.37 -3.92
N PRO A 97 2.21 13.18 -3.48
CA PRO A 97 1.67 11.96 -2.89
C PRO A 97 1.32 10.86 -3.90
N ILE A 98 1.20 9.63 -3.43
CA ILE A 98 0.78 8.49 -4.27
C ILE A 98 -0.67 8.78 -4.64
N THR A 99 -1.03 8.60 -5.90
CA THR A 99 -2.39 8.77 -6.39
C THR A 99 -2.80 7.56 -7.20
N PHE A 100 -4.08 7.21 -7.09
CA PHE A 100 -4.67 6.10 -7.83
C PHE A 100 -5.68 6.64 -8.84
N GLY A 101 -5.99 5.80 -9.83
CA GLY A 101 -7.11 6.08 -10.71
C GLY A 101 -8.42 5.58 -10.12
N GLN A 102 -9.52 6.04 -10.71
CA GLN A 102 -10.84 5.69 -10.19
C GLN A 102 -11.26 4.27 -10.56
N GLY A 103 -10.67 3.68 -11.58
CA GLY A 103 -10.92 2.31 -11.95
C GLY A 103 -11.66 2.19 -13.29
N THR A 104 -11.70 0.95 -13.77
CA THR A 104 -12.36 0.63 -15.04
C THR A 104 -12.79 -0.83 -15.01
N ARG A 105 -14.09 -1.06 -15.19
CA ARG A 105 -14.61 -2.43 -15.23
C ARG A 105 -14.40 -3.06 -16.60
N LEU A 106 -14.10 -4.35 -16.63
CA LEU A 106 -14.10 -5.14 -17.86
C LEU A 106 -15.25 -6.12 -17.57
N GLU A 107 -16.38 -6.05 -18.29
CA GLU A 107 -17.51 -6.96 -18.19
C GLU A 107 -17.62 -7.76 -19.48
N ILE A 108 -18.21 -8.95 -19.36
CA ILE A 108 -18.31 -9.87 -20.49
C ILE A 108 -19.41 -9.40 -21.43
N LYS A 109 -19.14 -9.48 -22.73
CA LYS A 109 -20.10 -9.06 -23.75
C LYS A 109 -21.20 -10.10 -23.92
N ARG A 110 -22.42 -9.62 -24.16
CA ARG A 110 -23.54 -10.49 -24.50
C ARG A 110 -24.68 -9.62 -25.03
N THR A 111 -25.69 -10.29 -25.59
CA THR A 111 -26.88 -9.62 -26.10
C THR A 111 -27.88 -9.36 -24.98
N VAL A 112 -28.89 -8.54 -25.30
CA VAL A 112 -29.83 -8.04 -24.32
C VAL A 112 -30.72 -9.17 -23.83
N ALA A 113 -30.86 -9.28 -22.50
CA ALA A 113 -31.70 -10.29 -21.87
C ALA A 113 -32.75 -9.58 -21.00
N ALA A 114 -34.02 -9.89 -21.24
CA ALA A 114 -35.08 -9.25 -20.49
C ALA A 114 -35.12 -9.77 -19.05
N PRO A 115 -35.53 -8.93 -18.11
CA PRO A 115 -35.57 -9.36 -16.70
C PRO A 115 -36.79 -10.22 -16.41
N SER A 116 -36.60 -11.20 -15.53
CA SER A 116 -37.69 -11.98 -14.97
C SER A 116 -38.10 -11.32 -13.66
N VAL A 117 -39.30 -10.76 -13.61
CA VAL A 117 -39.73 -9.87 -12.54
C VAL A 117 -40.61 -10.63 -11.56
N PHE A 118 -40.33 -10.49 -10.27
CA PHE A 118 -41.14 -11.04 -9.20
C PHE A 118 -41.35 -9.97 -8.14
N ILE A 119 -42.46 -10.07 -7.42
CA ILE A 119 -42.76 -9.17 -6.32
C ILE A 119 -43.07 -9.99 -5.07
N PHE A 120 -42.68 -9.48 -3.91
CA PHE A 120 -42.83 -10.18 -2.64
C PHE A 120 -43.46 -9.24 -1.62
N PRO A 121 -44.69 -9.50 -1.19
CA PRO A 121 -45.30 -8.68 -0.14
C PRO A 121 -44.56 -8.86 1.18
N PRO A 122 -44.76 -7.93 2.15
CA PRO A 122 -44.18 -8.06 3.47
C PRO A 122 -44.70 -9.28 4.21
N SER A 123 -43.86 -9.94 5.01
CA SER A 123 -44.31 -11.05 5.82
C SER A 123 -45.07 -10.57 7.05
N ASP A 124 -45.92 -11.44 7.59
CA ASP A 124 -46.69 -11.10 8.78
C ASP A 124 -45.83 -11.00 10.02
N GLU A 125 -44.62 -11.59 10.01
CA GLU A 125 -43.71 -11.42 11.12
C GLU A 125 -43.11 -10.02 11.14
N GLN A 126 -42.71 -9.52 9.97
CA GLN A 126 -42.20 -8.15 9.89
C GLN A 126 -43.30 -7.13 10.20
N LEU A 127 -44.53 -7.41 9.76
CA LEU A 127 -45.63 -6.50 10.04
C LEU A 127 -45.91 -6.38 11.53
N LYS A 128 -45.69 -7.47 12.29
CA LYS A 128 -45.85 -7.39 13.73
C LYS A 128 -44.83 -6.44 14.35
N SER A 129 -43.60 -6.43 13.82
CA SER A 129 -42.55 -5.58 14.36
C SER A 129 -42.81 -4.10 14.11
N GLY A 130 -43.68 -3.77 13.16
CA GLY A 130 -44.04 -2.39 12.89
C GLY A 130 -43.52 -1.81 11.59
N THR A 131 -42.93 -2.63 10.72
CA THR A 131 -42.38 -2.17 9.46
C THR A 131 -42.84 -3.10 8.35
N ALA A 132 -42.98 -2.55 7.14
CA ALA A 132 -43.36 -3.32 5.96
C ALA A 132 -42.36 -3.07 4.85
N SER A 133 -41.80 -4.14 4.30
CA SER A 133 -40.85 -4.07 3.19
C SER A 133 -41.39 -4.86 2.01
N VAL A 134 -41.51 -4.21 0.85
CA VAL A 134 -42.02 -4.84 -0.39
C VAL A 134 -40.84 -4.98 -1.35
N VAL A 135 -40.47 -6.15 -1.77
CA VAL A 135 -39.28 -6.44 -2.57
C VAL A 135 -39.70 -6.79 -3.98
N CYS A 136 -38.96 -6.25 -4.96
CA CYS A 136 -39.13 -6.58 -6.36
C CYS A 136 -37.81 -7.12 -6.90
N LEU A 137 -37.86 -8.30 -7.50
CA LEU A 137 -36.67 -9.01 -7.94
C LEU A 137 -36.57 -8.96 -9.47
N LEU A 138 -35.46 -8.44 -9.96
CA LEU A 138 -35.14 -8.38 -11.39
C LEU A 138 -33.98 -9.32 -11.60
N ASN A 139 -34.35 -10.48 -12.14
CA ASN A 139 -33.39 -11.60 -12.23
C ASN A 139 -32.88 -11.89 -13.65
N ASN A 140 -31.62 -12.33 -13.75
CA ASN A 140 -30.98 -12.74 -15.02
C ASN A 140 -31.25 -11.77 -16.17
N PHE A 141 -30.70 -10.57 -16.09
CA PHE A 141 -30.94 -9.56 -17.12
C PHE A 141 -29.67 -8.89 -17.62
N TYR A 142 -29.74 -8.21 -18.76
CA TYR A 142 -28.61 -7.51 -19.38
C TYR A 142 -29.15 -6.55 -20.43
N PRO A 143 -28.63 -5.31 -20.50
CA PRO A 143 -27.52 -4.79 -19.71
C PRO A 143 -27.86 -4.43 -18.28
N ARG A 144 -26.83 -4.08 -17.51
CA ARG A 144 -26.97 -3.80 -16.08
C ARG A 144 -28.00 -2.72 -15.78
N GLU A 145 -28.14 -1.78 -16.71
CA GLU A 145 -28.96 -0.58 -16.48
C GLU A 145 -30.46 -0.88 -16.51
N ALA A 146 -31.24 -0.27 -15.61
CA ALA A 146 -32.69 -0.44 -15.47
C ALA A 146 -33.17 0.37 -14.28
N LYS A 147 -34.47 0.62 -14.18
CA LYS A 147 -35.05 1.26 -13.02
C LYS A 147 -36.22 0.45 -12.52
N VAL A 148 -36.53 0.61 -11.23
CA VAL A 148 -37.74 0.11 -10.62
C VAL A 148 -38.44 1.28 -9.95
N GLN A 149 -39.61 1.65 -10.46
CA GLN A 149 -40.41 2.73 -9.90
C GLN A 149 -41.60 2.14 -9.16
N TRP A 150 -41.71 2.46 -7.88
CA TRP A 150 -42.75 1.91 -7.03
C TRP A 150 -44.00 2.79 -7.07
N LYS A 151 -45.18 2.15 -6.99
CA LYS A 151 -46.49 2.82 -7.16
C LYS A 151 -47.50 2.22 -6.20
N VAL A 152 -47.84 2.92 -5.13
CA VAL A 152 -48.75 2.45 -4.09
C VAL A 152 -50.13 3.06 -4.36
N ASP A 153 -51.21 2.28 -4.33
CA ASP A 153 -52.57 2.74 -4.78
C ASP A 153 -52.38 3.48 -6.09
N ASN A 154 -51.57 2.93 -6.97
CA ASN A 154 -51.34 3.49 -8.34
C ASN A 154 -50.91 4.96 -8.21
N ALA A 155 -49.99 5.25 -7.30
CA ALA A 155 -49.41 6.61 -7.18
C ALA A 155 -48.05 6.58 -7.87
N LEU A 156 -47.00 7.07 -7.20
CA LEU A 156 -45.62 6.97 -7.72
C LEU A 156 -44.72 7.38 -6.57
N GLN A 157 -44.11 6.42 -5.94
CA GLN A 157 -43.34 6.67 -4.71
C GLN A 157 -42.01 7.36 -4.98
N SER A 158 -41.46 8.06 -3.98
CA SER A 158 -40.14 8.71 -4.09
C SER A 158 -39.49 8.78 -2.72
N GLY A 159 -38.20 8.47 -2.59
CA GLY A 159 -37.51 8.63 -1.33
C GLY A 159 -37.72 7.53 -0.32
N ASN A 160 -38.20 6.37 -0.74
CA ASN A 160 -38.45 5.27 0.17
C ASN A 160 -37.93 3.92 -0.30
N SER A 161 -37.34 3.84 -1.49
CA SER A 161 -36.85 2.60 -2.04
C SER A 161 -35.34 2.68 -2.26
N GLN A 162 -34.68 1.52 -2.13
CA GLN A 162 -33.25 1.40 -2.35
C GLN A 162 -32.98 0.17 -3.22
N GLU A 163 -31.98 0.28 -4.09
CA GLU A 163 -31.65 -0.76 -5.04
C GLU A 163 -30.31 -1.40 -4.68
N SER A 164 -30.21 -2.70 -4.97
CA SER A 164 -28.99 -3.47 -4.79
C SER A 164 -28.84 -4.37 -6.01
N VAL A 165 -27.67 -4.30 -6.66
CA VAL A 165 -27.41 -5.02 -7.95
C VAL A 165 -26.26 -5.98 -7.74
N THR A 166 -26.39 -7.20 -8.25
CA THR A 166 -25.36 -8.21 -8.08
C THR A 166 -24.19 -7.96 -9.02
N GLU A 167 -23.20 -8.84 -8.92
CA GLU A 167 -22.04 -8.82 -9.80
C GLU A 167 -22.34 -9.65 -11.03
N GLN A 168 -21.58 -9.38 -12.10
CA GLN A 168 -21.82 -10.13 -13.34
C GLN A 168 -21.55 -11.61 -13.12
N ASP A 169 -22.54 -12.43 -13.43
CA ASP A 169 -22.42 -13.86 -13.19
C ASP A 169 -21.34 -14.44 -14.10
N SER A 170 -20.53 -15.34 -13.54
CA SER A 170 -19.42 -15.96 -14.23
C SER A 170 -19.85 -17.10 -15.16
N LYS A 171 -21.15 -17.28 -15.39
CA LYS A 171 -21.61 -18.41 -16.19
C LYS A 171 -22.55 -17.98 -17.30
N ASP A 172 -23.36 -16.94 -17.08
CA ASP A 172 -24.25 -16.43 -18.11
C ASP A 172 -24.11 -14.94 -18.36
N SER A 173 -23.27 -14.24 -17.60
CA SER A 173 -22.96 -12.83 -17.82
C SER A 173 -24.18 -11.92 -17.65
N THR A 174 -25.15 -12.38 -16.86
CA THR A 174 -26.32 -11.56 -16.53
C THR A 174 -26.19 -10.98 -15.13
N TYR A 175 -27.05 -10.02 -14.84
CA TYR A 175 -27.11 -9.38 -13.53
C TYR A 175 -28.45 -9.68 -12.87
N SER A 176 -28.51 -9.40 -11.57
CA SER A 176 -29.75 -9.46 -10.81
C SER A 176 -29.88 -8.20 -9.96
N LEU A 177 -31.06 -7.62 -9.87
CA LEU A 177 -31.31 -6.40 -9.10
C LEU A 177 -32.44 -6.74 -8.16
N SER A 178 -32.45 -6.19 -6.98
CA SER A 178 -33.53 -6.24 -6.00
C SER A 178 -33.82 -4.82 -5.53
N SER A 179 -35.05 -4.37 -5.73
CA SER A 179 -35.51 -3.08 -5.21
C SER A 179 -36.39 -3.33 -4.00
N THR A 180 -36.17 -2.55 -2.94
CA THR A 180 -36.84 -2.75 -1.65
C THR A 180 -37.58 -1.47 -1.27
N LEU A 181 -38.90 -1.54 -1.25
CA LEU A 181 -39.74 -0.43 -0.83
C LEU A 181 -39.99 -0.53 0.67
N THR A 182 -39.52 0.47 1.42
CA THR A 182 -39.63 0.49 2.87
C THR A 182 -40.68 1.52 3.30
N LEU A 183 -41.47 1.15 4.30
CA LEU A 183 -42.57 1.97 4.80
C LEU A 183 -43.13 1.34 6.06
N SER A 184 -43.84 2.15 6.84
CA SER A 184 -44.33 1.74 8.15
C SER A 184 -45.56 0.85 8.03
N LYS A 185 -45.86 0.14 9.12
CA LYS A 185 -47.01 -0.77 9.13
C LYS A 185 -48.32 0.01 9.00
N ALA A 186 -48.45 1.11 9.73
CA ALA A 186 -49.68 1.90 9.68
C ALA A 186 -49.92 2.44 8.27
N ASP A 187 -48.86 2.83 7.58
CA ASP A 187 -48.99 3.26 6.19
C ASP A 187 -49.36 2.09 5.29
N TYR A 188 -48.80 0.91 5.57
CA TYR A 188 -48.99 -0.23 4.69
C TYR A 188 -50.45 -0.64 4.58
N GLU A 189 -51.13 -0.76 5.72
CA GLU A 189 -52.49 -1.26 5.75
C GLU A 189 -53.52 -0.24 5.27
N LYS A 190 -53.10 0.94 4.85
CA LYS A 190 -54.03 1.96 4.35
C LYS A 190 -54.19 1.93 2.84
N HIS A 191 -53.48 1.03 2.15
CA HIS A 191 -53.52 0.96 0.69
C HIS A 191 -53.66 -0.48 0.25
N LYS A 192 -54.22 -0.72 -0.92
CA LYS A 192 -54.46 -2.10 -1.42
C LYS A 192 -53.46 -2.41 -2.53
N LEU A 193 -53.35 -1.58 -3.54
CA LEU A 193 -52.52 -1.96 -4.72
C LEU A 193 -51.08 -1.52 -4.57
N TYR A 194 -50.18 -2.44 -4.77
CA TYR A 194 -48.74 -2.19 -4.78
C TYR A 194 -48.17 -2.78 -6.06
N ALA A 195 -47.46 -1.97 -6.85
CA ALA A 195 -46.97 -2.41 -8.15
C ALA A 195 -45.48 -2.16 -8.29
N CYS A 196 -44.85 -2.95 -9.16
CA CYS A 196 -43.44 -2.85 -9.48
C CYS A 196 -43.30 -2.71 -11.00
N GLU A 197 -42.98 -1.49 -11.46
CA GLU A 197 -42.80 -1.24 -12.88
C GLU A 197 -41.31 -1.12 -13.19
N VAL A 198 -40.82 -2.00 -14.05
CA VAL A 198 -39.40 -2.07 -14.38
C VAL A 198 -39.19 -1.53 -15.79
N THR A 199 -38.10 -0.79 -15.98
CA THR A 199 -37.71 -0.23 -17.25
C THR A 199 -36.49 -0.98 -17.75
N HIS A 200 -36.54 -1.46 -19.00
CA HIS A 200 -35.34 -2.15 -19.48
C HIS A 200 -35.32 -2.15 -20.99
N GLN A 201 -34.10 -2.22 -21.53
CA GLN A 201 -33.92 -2.28 -22.98
C GLN A 201 -34.55 -3.54 -23.57
N GLY A 202 -34.62 -4.61 -22.78
CA GLY A 202 -35.18 -5.87 -23.27
C GLY A 202 -36.69 -5.94 -23.27
N LEU A 203 -37.36 -4.94 -22.70
CA LEU A 203 -38.81 -4.92 -22.62
C LEU A 203 -39.36 -3.94 -23.65
N SER A 204 -40.22 -4.43 -24.53
CA SER A 204 -40.89 -3.54 -25.47
C SER A 204 -41.70 -2.48 -24.73
N SER A 205 -42.38 -2.88 -23.65
CA SER A 205 -43.04 -1.97 -22.74
C SER A 205 -42.78 -2.45 -21.31
N PRO A 206 -42.64 -1.50 -20.36
CA PRO A 206 -42.33 -1.89 -18.97
C PRO A 206 -43.25 -2.96 -18.40
N VAL A 207 -42.68 -4.09 -17.99
CA VAL A 207 -43.44 -5.13 -17.31
C VAL A 207 -43.72 -4.69 -15.88
N THR A 208 -44.97 -4.90 -15.44
CA THR A 208 -45.40 -4.49 -14.11
C THR A 208 -45.98 -5.68 -13.37
N LYS A 209 -45.47 -5.91 -12.15
CA LYS A 209 -45.99 -6.96 -11.27
C LYS A 209 -46.72 -6.32 -10.10
N SER A 210 -47.88 -6.87 -9.76
CA SER A 210 -48.75 -6.28 -8.77
C SER A 210 -49.23 -7.34 -7.78
N PHE A 211 -49.58 -6.87 -6.59
CA PHE A 211 -50.27 -7.70 -5.60
C PHE A 211 -51.20 -6.81 -4.80
N ASN A 212 -52.35 -7.35 -4.40
CA ASN A 212 -53.35 -6.65 -3.60
C ASN A 212 -53.13 -7.10 -2.16
N ARG A 213 -52.92 -6.17 -1.23
CA ARG A 213 -52.67 -6.49 0.18
C ARG A 213 -53.86 -7.21 0.78
N GLY A 214 -53.62 -8.39 1.34
CA GLY A 214 -54.67 -9.22 1.91
C GLY A 214 -55.08 -10.39 1.05
N GLU A 215 -54.69 -10.42 -0.22
CA GLU A 215 -55.04 -11.52 -1.11
C GLU A 215 -53.82 -12.40 -1.34
N CYS A 216 -53.72 -13.00 -2.53
CA CYS A 216 -52.58 -13.85 -2.85
C CYS A 216 -51.72 -13.23 -3.94
N GLN B 1 6.10 -16.96 -2.18
CA GLN B 1 5.36 -17.43 -1.02
C GLN B 1 5.25 -16.28 -0.01
N VAL B 2 4.95 -15.10 -0.52
CA VAL B 2 4.74 -13.92 0.31
C VAL B 2 3.28 -13.87 0.74
N GLN B 3 3.05 -13.63 2.02
CA GLN B 3 1.70 -13.54 2.56
C GLN B 3 1.62 -12.43 3.58
N LEU B 4 0.59 -11.59 3.47
CA LEU B 4 0.29 -10.54 4.42
C LEU B 4 -1.07 -10.80 5.04
N VAL B 5 -1.19 -10.57 6.34
CA VAL B 5 -2.41 -10.88 7.08
C VAL B 5 -2.76 -9.68 7.96
N GLU B 6 -3.82 -8.98 7.61
CA GLU B 6 -4.30 -7.86 8.41
C GLU B 6 -5.21 -8.34 9.54
N SER B 7 -5.21 -7.58 10.62
CA SER B 7 -6.10 -7.84 11.75
C SER B 7 -6.24 -6.57 12.56
N GLY B 8 -7.22 -6.55 13.44
CA GLY B 8 -7.48 -5.41 14.30
C GLY B 8 -8.63 -4.53 13.87
N GLY B 9 -9.10 -4.68 12.64
CA GLY B 9 -10.26 -3.93 12.16
C GLY B 9 -11.53 -4.25 12.94
N GLY B 10 -12.53 -3.39 12.89
CA GLY B 10 -13.78 -3.60 13.59
C GLY B 10 -14.64 -2.35 13.55
N LEU B 11 -15.61 -2.30 14.50
CA LEU B 11 -16.57 -1.19 14.63
C LEU B 11 -15.95 -0.15 15.57
N VAL B 12 -16.02 1.14 15.23
CA VAL B 12 -15.43 2.22 16.01
C VAL B 12 -16.41 3.39 16.07
N GLN B 13 -16.53 3.99 17.25
CA GLN B 13 -17.28 5.23 17.40
C GLN B 13 -16.52 6.39 16.77
N PRO B 14 -17.22 7.38 16.22
CA PRO B 14 -16.54 8.58 15.72
C PRO B 14 -15.75 9.25 16.82
N GLY B 15 -14.45 9.44 16.57
CA GLY B 15 -13.53 9.93 17.57
C GLY B 15 -12.77 8.85 18.31
N GLY B 16 -13.16 7.60 18.16
CA GLY B 16 -12.50 6.50 18.82
C GLY B 16 -11.17 6.17 18.17
N SER B 17 -10.56 5.09 18.68
CA SER B 17 -9.23 4.67 18.26
C SER B 17 -9.24 3.19 17.91
N LEU B 18 -8.39 2.78 16.96
CA LEU B 18 -8.25 1.36 16.59
C LEU B 18 -6.78 1.21 16.23
N ARG B 19 -6.24 0.03 16.30
CA ARG B 19 -4.88 -0.30 15.88
CA ARG B 19 -4.89 -0.28 15.86
C ARG B 19 -4.93 -1.52 14.97
N LEU B 20 -4.41 -1.37 13.76
CA LEU B 20 -4.36 -2.47 12.79
C LEU B 20 -2.97 -3.09 12.78
N SER B 21 -2.93 -4.41 12.60
CA SER B 21 -1.69 -5.15 12.50
C SER B 21 -1.64 -5.92 11.19
N CYS B 22 -0.46 -5.98 10.59
CA CYS B 22 -0.22 -6.72 9.34
CA CYS B 22 -0.24 -6.73 9.35
C CYS B 22 0.99 -7.61 9.55
N VAL B 23 0.77 -8.84 9.98
CA VAL B 23 1.85 -9.79 10.17
C VAL B 23 2.27 -10.34 8.82
N THR B 24 3.56 -10.33 8.55
CA THR B 24 4.09 -10.68 7.24
C THR B 24 4.90 -11.97 7.31
N SER B 25 5.11 -12.55 6.13
CA SER B 25 5.85 -13.81 6.01
C SER B 25 6.27 -13.99 4.56
N GLY B 26 7.34 -14.77 4.37
CA GLY B 26 7.81 -15.11 3.04
C GLY B 26 8.82 -14.15 2.44
N PHE B 27 9.24 -13.13 3.17
CA PHE B 27 10.24 -12.19 2.67
C PHE B 27 10.93 -11.51 3.85
N THR B 28 12.07 -10.90 3.57
CA THR B 28 12.85 -10.21 4.60
C THR B 28 12.19 -8.86 4.87
N PHE B 29 11.34 -8.83 5.89
CA PHE B 29 10.55 -7.64 6.23
C PHE B 29 11.44 -6.41 6.33
N ARG B 30 12.63 -6.58 6.88
CA ARG B 30 13.39 -5.45 7.41
C ARG B 30 14.00 -4.63 6.29
N SER B 31 13.94 -5.15 5.05
CA SER B 31 14.60 -4.59 3.87
C SER B 31 13.66 -3.80 2.97
N TYR B 32 12.36 -3.79 3.24
CA TYR B 32 11.39 -3.18 2.33
C TYR B 32 10.48 -2.21 3.06
N ALA B 33 10.11 -1.15 2.37
CA ALA B 33 9.07 -0.25 2.84
C ALA B 33 7.72 -0.93 2.79
N MET B 34 6.81 -0.49 3.65
CA MET B 34 5.46 -1.01 3.71
C MET B 34 4.46 0.13 3.55
N THR B 35 3.25 -0.22 3.11
CA THR B 35 2.25 0.77 2.73
C THR B 35 0.86 0.31 3.16
N TRP B 36 0.05 1.25 3.63
CA TRP B 36 -1.37 1.03 3.90
C TRP B 36 -2.20 1.68 2.80
N VAL B 37 -3.17 0.94 2.27
CA VAL B 37 -4.10 1.44 1.27
C VAL B 37 -5.51 1.05 1.70
N ARG B 38 -6.45 1.99 1.57
CA ARG B 38 -7.82 1.77 2.01
C ARG B 38 -8.78 1.93 0.84
N GLN B 39 -9.91 1.23 0.93
CA GLN B 39 -10.94 1.24 -0.11
C GLN B 39 -12.31 1.45 0.54
N ALA B 40 -12.86 2.65 0.36
CA ALA B 40 -14.19 2.92 0.87
C ALA B 40 -15.21 2.02 0.17
N PRO B 41 -16.31 1.67 0.84
CA PRO B 41 -17.28 0.75 0.25
C PRO B 41 -17.82 1.26 -1.07
N GLY B 42 -17.62 0.46 -2.13
CA GLY B 42 -18.12 0.77 -3.46
C GLY B 42 -17.28 1.73 -4.26
N LYS B 43 -16.11 2.13 -3.77
CA LYS B 43 -15.31 3.13 -4.47
C LYS B 43 -13.86 2.66 -4.64
N GLY B 44 -13.01 3.53 -5.15
CA GLY B 44 -11.67 3.15 -5.57
C GLY B 44 -10.70 3.01 -4.41
N LEU B 45 -9.42 2.90 -4.77
CA LEU B 45 -8.33 2.77 -3.81
C LEU B 45 -7.76 4.14 -3.47
N GLU B 46 -7.33 4.28 -2.22
CA GLU B 46 -6.75 5.53 -1.74
C GLU B 46 -5.54 5.21 -0.87
N TRP B 47 -4.41 5.82 -1.21
CA TRP B 47 -3.19 5.59 -0.45
C TRP B 47 -3.25 6.29 0.90
N VAL B 48 -2.92 5.55 1.96
CA VAL B 48 -3.03 6.08 3.32
C VAL B 48 -1.66 6.51 3.82
N SER B 49 -0.75 5.56 3.99
CA SER B 49 0.55 5.84 4.58
C SER B 49 1.58 4.85 4.08
N SER B 50 2.85 5.24 4.21
CA SER B 50 3.98 4.37 3.90
C SER B 50 5.09 4.63 4.90
N ILE B 51 5.84 3.58 5.22
CA ILE B 51 6.94 3.66 6.17
C ILE B 51 8.17 3.03 5.54
N SER B 52 9.34 3.63 5.80
CA SER B 52 10.58 3.13 5.24
C SER B 52 10.97 1.80 5.88
N HIS B 53 11.98 1.16 5.29
CA HIS B 53 12.46 -0.11 5.82
C HIS B 53 13.00 0.05 7.23
N SER B 54 13.65 1.18 7.52
CA SER B 54 14.21 1.44 8.84
C SER B 54 13.19 1.99 9.81
N GLY B 55 12.03 2.43 9.34
CA GLY B 55 11.10 3.17 10.16
C GLY B 55 11.47 4.60 10.41
N GLY B 56 12.59 5.08 9.84
CA GLY B 56 13.07 6.42 10.07
C GLY B 56 12.41 7.50 9.24
N SER B 57 11.60 7.13 8.26
CA SER B 57 10.86 8.11 7.46
C SER B 57 9.49 7.55 7.13
N THR B 58 8.44 8.33 7.45
CA THR B 58 7.04 7.97 7.25
C THR B 58 6.38 9.03 6.38
N LYS B 59 5.38 8.67 5.58
CA LYS B 59 4.64 9.59 4.69
C LYS B 59 3.15 9.33 4.94
N TYR B 60 2.31 10.35 4.88
CA TYR B 60 0.86 10.23 5.06
C TYR B 60 0.14 11.07 4.03
N ALA B 61 -1.07 10.66 3.69
CA ALA B 61 -1.97 11.51 2.93
C ALA B 61 -2.51 12.62 3.82
N ASP B 62 -2.77 13.78 3.22
CA ASP B 62 -3.19 14.94 3.99
C ASP B 62 -4.50 14.73 4.73
N SER B 63 -5.35 13.80 4.25
CA SER B 63 -6.65 13.58 4.88
C SER B 63 -6.56 12.78 6.17
N VAL B 64 -5.45 12.08 6.40
CA VAL B 64 -5.26 11.29 7.62
C VAL B 64 -4.06 11.75 8.43
N LYS B 65 -3.33 12.77 7.96
CA LYS B 65 -2.10 13.18 8.61
C LYS B 65 -2.38 13.70 10.02
N GLY B 66 -1.53 13.31 10.97
CA GLY B 66 -1.67 13.68 12.35
C GLY B 66 -2.53 12.74 13.17
N ARG B 67 -3.58 12.19 12.58
CA ARG B 67 -4.49 11.29 13.29
C ARG B 67 -4.11 9.82 13.12
N LEU B 68 -3.44 9.46 12.03
CA LEU B 68 -2.97 8.11 11.79
C LEU B 68 -1.45 8.09 11.84
N THR B 69 -0.90 7.05 12.46
CA THR B 69 0.54 6.90 12.63
C THR B 69 0.94 5.50 12.23
N ILE B 70 1.84 5.40 11.26
CA ILE B 70 2.35 4.11 10.79
C ILE B 70 3.61 3.76 11.57
N SER B 71 3.77 2.48 11.88
CA SER B 71 4.91 2.00 12.64
C SER B 71 5.16 0.54 12.30
N ARG B 72 6.32 0.04 12.71
CA ARG B 72 6.71 -1.33 12.37
C ARG B 72 7.60 -1.89 13.46
N ASP B 73 7.54 -3.22 13.61
CA ASP B 73 8.44 -3.96 14.50
C ASP B 73 9.10 -5.05 13.65
N ASP B 74 10.39 -4.87 13.37
CA ASP B 74 11.08 -5.82 12.50
C ASP B 74 11.26 -7.18 13.15
N SER B 75 11.41 -7.23 14.48
CA SER B 75 11.60 -8.51 15.15
C SER B 75 10.35 -9.38 15.07
N MET B 76 9.17 -8.76 14.90
CA MET B 76 7.93 -9.49 14.78
C MET B 76 7.36 -9.47 13.36
N ASP B 77 8.07 -8.86 12.41
CA ASP B 77 7.64 -8.79 11.01
C ASP B 77 6.26 -8.17 10.87
N THR B 78 5.88 -7.30 11.80
CA THR B 78 4.54 -6.74 11.85
C THR B 78 4.56 -5.25 11.51
N LEU B 79 3.56 -4.82 10.76
CA LEU B 79 3.31 -3.42 10.47
C LEU B 79 2.07 -2.97 11.22
N TYR B 80 2.09 -1.72 11.71
CA TYR B 80 0.99 -1.18 12.48
C TYR B 80 0.46 0.10 11.84
N LEU B 81 -0.80 0.40 12.15
CA LEU B 81 -1.41 1.68 11.81
C LEU B 81 -2.26 2.11 13.00
N GLN B 82 -1.75 3.06 13.77
CA GLN B 82 -2.48 3.59 14.92
C GLN B 82 -3.46 4.65 14.42
N MET B 83 -4.75 4.37 14.51
CA MET B 83 -5.79 5.27 13.97
C MET B 83 -6.50 6.02 15.10
N ASN B 84 -6.31 7.32 15.23
CA ASN B 84 -6.93 8.14 16.30
C ASN B 84 -7.90 9.12 15.68
N SER B 85 -8.77 9.74 16.48
CA SER B 85 -9.76 10.75 16.03
C SER B 85 -10.50 10.21 14.82
N LEU B 86 -10.90 8.94 14.85
CA LEU B 86 -11.48 8.25 13.66
C LEU B 86 -12.81 8.86 13.20
N ARG B 87 -12.90 9.41 12.00
CA ARG B 87 -14.07 10.08 11.46
C ARG B 87 -14.89 9.09 10.64
N ALA B 88 -16.11 9.52 10.29
CA ALA B 88 -17.01 8.64 9.56
C ALA B 88 -16.46 8.30 8.17
N GLU B 89 -15.83 9.26 7.51
CA GLU B 89 -15.24 9.02 6.20
C GLU B 89 -13.96 8.19 6.26
N ASP B 90 -13.57 7.67 7.43
CA ASP B 90 -12.49 6.70 7.54
C ASP B 90 -12.98 5.27 7.42
N THR B 91 -14.29 5.07 7.29
CA THR B 91 -14.89 3.74 7.10
C THR B 91 -14.39 3.20 5.76
N ALA B 92 -13.71 2.05 5.74
CA ALA B 92 -13.19 1.44 4.54
C ALA B 92 -12.59 0.10 4.93
N ILE B 93 -12.17 -0.66 3.92
CA ILE B 93 -11.39 -1.87 4.13
C ILE B 93 -9.93 -1.48 3.90
N TYR B 94 -9.08 -1.74 4.88
CA TYR B 94 -7.69 -1.28 4.87
C TYR B 94 -6.78 -2.42 4.44
N TYR B 95 -5.99 -2.19 3.41
CA TYR B 95 -5.07 -3.18 2.85
C TYR B 95 -3.65 -2.83 3.24
N CYS B 96 -2.91 -3.82 3.74
CA CYS B 96 -1.48 -3.68 3.98
CA CYS B 96 -1.48 -3.67 3.97
C CYS B 96 -0.72 -4.22 2.77
N ALA B 97 0.28 -3.48 2.32
CA ALA B 97 1.00 -3.84 1.11
C ALA B 97 2.50 -3.68 1.31
N LYS B 98 3.25 -4.45 0.53
CA LYS B 98 4.71 -4.41 0.55
C LYS B 98 5.23 -3.66 -0.67
N ASP B 99 6.22 -2.81 -0.46
CA ASP B 99 6.84 -2.07 -1.56
C ASP B 99 7.96 -2.89 -2.18
N GLN B 100 8.34 -2.49 -3.39
CA GLN B 100 9.43 -3.19 -4.08
C GLN B 100 10.80 -2.79 -3.55
N ILE B 101 10.91 -1.58 -3.00
CA ILE B 101 12.20 -1.04 -2.51
C ILE B 101 12.07 -0.55 -1.09
N SER B 102 13.19 -0.19 -0.45
CA SER B 102 13.28 0.25 0.95
C SER B 102 12.75 1.66 1.16
N TYR B 103 12.79 2.51 0.15
CA TYR B 103 12.38 3.93 0.28
C TYR B 103 10.85 4.00 0.22
N PRO B 104 10.17 4.73 1.14
CA PRO B 104 8.73 4.73 1.13
C PRO B 104 8.02 5.46 -0.01
N ALA B 105 6.93 4.90 -0.54
CA ALA B 105 6.06 5.55 -1.55
C ALA B 105 6.82 6.00 -2.79
N ALA B 106 7.63 5.13 -3.35
CA ALA B 106 8.46 5.42 -4.54
C ALA B 106 8.56 4.19 -5.42
N SER B 107 7.67 3.23 -5.28
CA SER B 107 7.77 1.96 -5.99
C SER B 107 6.42 1.27 -6.07
N PRO B 108 6.23 0.30 -7.00
CA PRO B 108 4.97 -0.45 -7.01
C PRO B 108 4.78 -1.26 -5.73
N LEU B 109 3.54 -1.70 -5.52
CA LEU B 109 3.16 -2.55 -4.40
C LEU B 109 2.94 -3.96 -4.96
N ASP B 110 3.92 -4.84 -4.79
CA ASP B 110 3.91 -6.13 -5.47
C ASP B 110 3.16 -7.23 -4.71
N TYR B 111 2.85 -7.03 -3.43
CA TYR B 111 2.12 -8.03 -2.66
C TYR B 111 1.17 -7.34 -1.70
N TRP B 112 -0.05 -7.86 -1.61
CA TRP B 112 -1.11 -7.26 -0.81
C TRP B 112 -1.67 -8.29 0.15
N GLY B 113 -2.09 -7.82 1.33
CA GLY B 113 -2.87 -8.62 2.24
C GLY B 113 -4.32 -8.66 1.82
N ARG B 114 -5.11 -9.42 2.57
CA ARG B 114 -6.51 -9.61 2.21
C ARG B 114 -7.44 -8.60 2.88
N GLY B 115 -6.90 -7.58 3.52
CA GLY B 115 -7.69 -6.48 4.01
C GLY B 115 -8.42 -6.79 5.30
N THR B 116 -8.72 -5.72 6.04
CA THR B 116 -9.54 -5.78 7.25
C THR B 116 -10.51 -4.60 7.22
N LEU B 117 -11.72 -4.82 7.71
CA LEU B 117 -12.78 -3.83 7.61
C LEU B 117 -12.82 -2.97 8.86
N VAL B 118 -12.81 -1.65 8.66
CA VAL B 118 -12.92 -0.68 9.74
C VAL B 118 -14.20 0.12 9.50
N THR B 119 -15.12 0.06 10.46
CA THR B 119 -16.40 0.73 10.36
C THR B 119 -16.47 1.83 11.43
N VAL B 120 -16.70 3.06 11.00
CA VAL B 120 -16.78 4.21 11.89
C VAL B 120 -18.17 4.82 11.76
N SER B 121 -18.99 4.65 12.79
CA SER B 121 -20.30 5.26 12.87
C SER B 121 -20.77 5.22 14.31
N SER B 122 -21.91 5.87 14.57
CA SER B 122 -22.49 5.87 15.90
C SER B 122 -23.39 4.67 16.16
N ALA B 123 -23.62 3.83 15.15
CA ALA B 123 -24.47 2.67 15.33
C ALA B 123 -23.78 1.62 16.20
N SER B 124 -24.59 0.80 16.86
CA SER B 124 -24.11 -0.24 17.74
C SER B 124 -24.33 -1.61 17.13
N THR B 125 -23.64 -2.60 17.67
CA THR B 125 -23.74 -3.97 17.16
C THR B 125 -25.16 -4.49 17.30
N LYS B 126 -25.68 -5.06 16.21
CA LYS B 126 -27.03 -5.57 16.18
C LYS B 126 -27.11 -6.79 15.27
N GLY B 127 -27.72 -7.86 15.76
CA GLY B 127 -27.99 -9.02 14.96
C GLY B 127 -29.13 -8.76 13.99
N PRO B 128 -29.17 -9.50 12.89
CA PRO B 128 -30.17 -9.23 11.86
C PRO B 128 -31.50 -9.87 12.15
N SER B 129 -32.55 -9.26 11.60
CA SER B 129 -33.87 -9.87 11.53
C SER B 129 -34.05 -10.51 10.17
N VAL B 130 -34.57 -11.73 10.15
CA VAL B 130 -34.69 -12.52 8.93
C VAL B 130 -36.16 -12.82 8.69
N PHE B 131 -36.67 -12.37 7.54
CA PHE B 131 -38.07 -12.56 7.16
C PHE B 131 -38.15 -13.31 5.84
N PRO B 132 -39.22 -14.09 5.64
CA PRO B 132 -39.33 -14.86 4.40
C PRO B 132 -39.82 -14.03 3.23
N LEU B 133 -39.24 -14.31 2.06
CA LEU B 133 -39.79 -13.83 0.78
C LEU B 133 -40.50 -15.02 0.14
N ALA B 134 -41.74 -15.24 0.57
CA ALA B 134 -42.46 -16.43 0.18
C ALA B 134 -42.79 -16.41 -1.31
N PRO B 135 -42.78 -17.55 -1.99
CA PRO B 135 -43.03 -17.57 -3.43
C PRO B 135 -44.50 -17.35 -3.76
N SER B 136 -44.73 -16.87 -4.97
CA SER B 136 -46.08 -16.55 -5.44
C SER B 136 -46.92 -17.83 -5.54
N SER B 137 -48.23 -17.62 -5.68
CA SER B 137 -49.17 -18.71 -5.85
C SER B 137 -49.67 -18.84 -7.28
N LYS B 138 -49.17 -18.02 -8.20
CA LYS B 138 -49.72 -17.93 -9.54
C LYS B 138 -48.64 -18.04 -10.62
N GLY B 142 -43.04 -18.38 -17.86
CA GLY B 142 -41.98 -19.28 -17.45
C GLY B 142 -42.46 -20.38 -16.53
N GLY B 143 -41.56 -21.31 -16.21
CA GLY B 143 -41.92 -22.44 -15.38
C GLY B 143 -41.12 -22.54 -14.09
N THR B 144 -40.66 -21.40 -13.57
CA THR B 144 -39.92 -21.37 -12.32
C THR B 144 -40.57 -20.36 -11.37
N ALA B 145 -40.19 -20.47 -10.10
CA ALA B 145 -40.68 -19.57 -9.06
C ALA B 145 -39.49 -19.02 -8.28
N ALA B 146 -39.71 -17.87 -7.66
CA ALA B 146 -38.66 -17.18 -6.90
C ALA B 146 -39.06 -17.07 -5.43
N LEU B 147 -38.16 -17.39 -4.54
CA LEU B 147 -38.40 -17.33 -3.09
C LEU B 147 -37.14 -16.70 -2.58
N GLY B 148 -37.01 -16.41 -1.31
CA GLY B 148 -35.83 -15.70 -0.84
C GLY B 148 -35.88 -15.45 0.64
N CYS B 149 -34.95 -14.71 1.15
CA CYS B 149 -35.00 -14.26 2.57
CA CYS B 149 -34.95 -14.29 2.72
C CYS B 149 -34.43 -12.83 2.82
N LEU B 150 -35.13 -12.06 3.63
CA LEU B 150 -34.81 -10.64 3.79
C LEU B 150 -34.06 -10.49 5.10
N VAL B 151 -32.77 -10.18 5.04
CA VAL B 151 -31.90 -10.00 6.24
C VAL B 151 -31.86 -8.51 6.55
N LYS B 152 -32.71 -8.05 7.46
CA LYS B 152 -32.89 -6.60 7.71
C LYS B 152 -32.29 -6.11 9.02
N ASP B 153 -31.81 -4.87 9.01
CA ASP B 153 -31.32 -4.17 10.21
C ASP B 153 -30.20 -4.97 10.89
N TYR B 154 -28.96 -4.82 10.47
CA TYR B 154 -27.78 -5.43 11.15
C TYR B 154 -26.62 -4.46 11.09
N PHE B 155 -25.71 -4.58 12.03
CA PHE B 155 -24.50 -3.73 12.09
C PHE B 155 -23.51 -4.47 12.98
N PRO B 156 -22.17 -4.46 12.67
CA PRO B 156 -21.57 -4.05 11.38
C PRO B 156 -21.72 -5.11 10.29
N GLU B 157 -21.07 -4.91 9.14
CA GLU B 157 -21.02 -5.92 8.05
C GLU B 157 -20.02 -7.02 8.46
N PRO B 158 -19.86 -8.15 7.72
CA PRO B 158 -20.86 -8.72 6.80
C PRO B 158 -21.67 -9.90 7.33
N VAL B 159 -22.75 -10.26 6.64
CA VAL B 159 -23.62 -11.43 6.99
C VAL B 159 -23.31 -12.53 5.99
N THR B 160 -23.37 -13.82 6.36
CA THR B 160 -23.26 -14.92 5.40
C THR B 160 -24.61 -15.62 5.26
N VAL B 161 -25.05 -15.76 4.01
CA VAL B 161 -26.31 -16.42 3.69
C VAL B 161 -25.99 -17.66 2.87
N SER B 162 -26.16 -18.83 3.48
CA SER B 162 -26.11 -20.10 2.76
C SER B 162 -27.52 -20.66 2.68
N TRP B 163 -27.83 -21.27 1.53
CA TRP B 163 -29.20 -21.73 1.23
C TRP B 163 -29.34 -23.23 1.42
N ASN B 164 -29.86 -23.64 2.57
CA ASN B 164 -30.24 -25.03 2.82
C ASN B 164 -29.07 -25.99 2.70
N SER B 165 -27.84 -25.49 2.86
CA SER B 165 -26.63 -26.30 2.84
C SER B 165 -26.53 -27.17 1.59
N THR B 169 -28.33 -24.65 -3.19
CA THR B 169 -26.93 -24.52 -3.59
C THR B 169 -26.78 -23.66 -4.84
N SER B 170 -27.52 -23.98 -5.88
CA SER B 170 -27.43 -23.30 -7.16
C SER B 170 -28.68 -22.46 -7.42
N GLY B 171 -28.54 -21.48 -8.31
CA GLY B 171 -29.62 -20.58 -8.61
C GLY B 171 -29.81 -19.46 -7.60
N VAL B 172 -28.80 -19.20 -6.76
CA VAL B 172 -28.91 -18.26 -5.66
C VAL B 172 -28.30 -16.92 -6.06
N HIS B 173 -28.95 -15.83 -5.68
CA HIS B 173 -28.41 -14.49 -5.78
C HIS B 173 -28.51 -13.82 -4.42
N THR B 174 -27.37 -13.60 -3.78
CA THR B 174 -27.29 -12.87 -2.52
C THR B 174 -26.79 -11.47 -2.82
N PHE B 175 -27.69 -10.49 -2.70
CA PHE B 175 -27.37 -9.13 -3.11
C PHE B 175 -26.44 -8.47 -2.09
N PRO B 176 -25.61 -7.52 -2.54
CA PRO B 176 -24.78 -6.78 -1.60
C PRO B 176 -25.63 -5.92 -0.68
N ALA B 177 -25.14 -5.72 0.54
CA ALA B 177 -25.87 -4.96 1.53
C ALA B 177 -25.96 -3.49 1.15
N VAL B 178 -27.04 -2.86 1.59
CA VAL B 178 -27.24 -1.42 1.43
C VAL B 178 -27.34 -0.79 2.80
N LEU B 179 -26.67 0.35 2.97
CA LEU B 179 -26.75 1.10 4.23
C LEU B 179 -28.05 1.89 4.22
N GLN B 180 -29.00 1.48 5.05
CA GLN B 180 -30.32 2.09 5.06
C GLN B 180 -30.25 3.51 5.64
N SER B 181 -31.39 4.21 5.57
CA SER B 181 -31.49 5.57 6.05
C SER B 181 -31.33 5.69 7.57
N SER B 182 -31.28 4.55 8.28
CA SER B 182 -31.16 4.55 9.72
C SER B 182 -29.79 4.07 10.20
N GLY B 183 -28.83 3.93 9.29
CA GLY B 183 -27.51 3.49 9.66
C GLY B 183 -27.34 1.99 9.83
N LEU B 184 -28.36 1.18 9.52
CA LEU B 184 -28.27 -0.29 9.65
C LEU B 184 -28.26 -0.88 8.25
N TYR B 185 -27.72 -2.06 8.01
CA TYR B 185 -27.56 -2.74 6.73
C TYR B 185 -28.71 -3.72 6.50
N SER B 186 -29.05 -3.91 5.23
CA SER B 186 -30.10 -4.84 4.84
C SER B 186 -29.79 -5.41 3.48
N LEU B 187 -29.81 -6.73 3.37
CA LEU B 187 -29.64 -7.41 2.09
C LEU B 187 -30.72 -8.47 1.92
N SER B 188 -30.95 -8.85 0.68
CA SER B 188 -31.85 -9.93 0.33
C SER B 188 -31.10 -11.02 -0.40
N SER B 189 -31.49 -12.26 -0.17
CA SER B 189 -30.92 -13.42 -0.86
C SER B 189 -32.06 -14.22 -1.47
N VAL B 190 -32.09 -14.28 -2.79
CA VAL B 190 -33.17 -14.94 -3.51
C VAL B 190 -32.61 -16.19 -4.20
N VAL B 191 -33.48 -17.17 -4.40
CA VAL B 191 -33.14 -18.39 -5.12
C VAL B 191 -34.30 -18.74 -6.05
N THR B 192 -34.00 -19.07 -7.30
CA THR B 192 -34.99 -19.48 -8.26
C THR B 192 -35.03 -21.00 -8.31
N VAL B 193 -36.20 -21.56 -8.06
CA VAL B 193 -36.41 -23.01 -8.07
C VAL B 193 -37.53 -23.30 -9.04
N PRO B 194 -37.70 -24.53 -9.50
CA PRO B 194 -38.86 -24.88 -10.31
C PRO B 194 -40.14 -24.75 -9.49
N SER B 195 -41.20 -24.29 -10.16
CA SER B 195 -42.51 -24.23 -9.50
C SER B 195 -42.98 -25.61 -9.07
N SER B 196 -42.51 -26.66 -9.74
CA SER B 196 -42.83 -28.03 -9.33
C SER B 196 -42.32 -28.30 -7.91
N SER B 197 -41.14 -27.78 -7.58
CA SER B 197 -40.56 -27.97 -6.26
C SER B 197 -41.35 -27.30 -5.15
N LEU B 198 -42.13 -26.26 -5.48
CA LEU B 198 -42.92 -25.57 -4.47
C LEU B 198 -43.97 -26.52 -3.89
N GLY B 199 -44.08 -26.52 -2.57
CA GLY B 199 -44.85 -27.57 -1.93
C GLY B 199 -44.29 -28.94 -2.23
N THR B 200 -42.97 -29.06 -2.36
CA THR B 200 -42.30 -30.35 -2.48
C THR B 200 -40.95 -30.41 -1.79
N GLN B 201 -40.24 -29.29 -1.58
CA GLN B 201 -38.96 -29.29 -0.85
C GLN B 201 -38.86 -28.22 0.23
N THR B 202 -38.27 -28.56 1.38
CA THR B 202 -37.87 -27.56 2.37
C THR B 202 -36.90 -26.57 1.76
N TYR B 203 -37.16 -25.28 1.93
CA TYR B 203 -36.24 -24.19 1.51
C TYR B 203 -35.98 -23.36 2.77
N ILE B 204 -35.07 -23.76 3.67
CA ILE B 204 -34.62 -23.00 4.83
C ILE B 204 -33.29 -22.33 4.50
N CYS B 205 -33.21 -21.02 4.77
CA CYS B 205 -32.02 -20.22 4.53
C CYS B 205 -31.22 -20.12 5.81
N ASN B 206 -29.90 -20.18 5.69
CA ASN B 206 -28.99 -20.13 6.83
C ASN B 206 -28.30 -18.77 6.84
N VAL B 207 -28.62 -17.94 7.85
CA VAL B 207 -28.09 -16.54 7.99
C VAL B 207 -27.20 -16.50 9.22
N ASN B 208 -25.94 -16.14 9.09
CA ASN B 208 -24.97 -16.12 10.17
C ASN B 208 -24.28 -14.76 10.22
N HIS B 209 -24.26 -14.16 11.41
CA HIS B 209 -23.66 -12.84 11.64
C HIS B 209 -22.75 -12.95 12.86
N LYS B 210 -21.44 -12.98 12.64
CA LYS B 210 -20.47 -13.06 13.73
C LYS B 210 -20.06 -11.74 14.37
N PRO B 211 -20.15 -10.60 13.70
CA PRO B 211 -20.05 -9.33 14.43
C PRO B 211 -21.04 -9.23 15.59
N SER B 212 -22.09 -10.05 15.57
CA SER B 212 -23.07 -10.07 16.65
C SER B 212 -23.32 -11.46 17.22
N ASN B 213 -22.69 -12.52 16.68
CA ASN B 213 -22.79 -13.88 17.23
C ASN B 213 -24.23 -14.40 17.18
N THR B 214 -24.83 -14.35 15.99
CA THR B 214 -26.22 -14.75 15.81
C THR B 214 -26.32 -15.76 14.68
N LYS B 215 -26.82 -16.95 15.01
CA LYS B 215 -27.16 -17.98 14.03
C LYS B 215 -28.67 -18.10 13.95
N VAL B 216 -29.24 -18.00 12.74
CA VAL B 216 -30.71 -17.97 12.53
C VAL B 216 -31.07 -18.68 11.22
N ASP B 217 -31.86 -19.76 11.25
CA ASP B 217 -32.27 -20.53 10.08
C ASP B 217 -33.80 -20.43 9.95
N LYS B 218 -34.26 -19.53 9.07
CA LYS B 218 -35.68 -19.31 8.85
C LYS B 218 -36.18 -20.10 7.64
N LYS B 219 -37.46 -20.51 7.69
CA LYS B 219 -38.09 -21.30 6.59
C LYS B 219 -38.97 -20.46 5.66
N VAL B 220 -38.63 -20.38 4.37
CA VAL B 220 -39.45 -19.79 3.32
C VAL B 220 -40.36 -20.90 2.80
N GLU B 221 -41.63 -20.86 3.17
CA GLU B 221 -42.66 -21.77 2.69
C GLU B 221 -43.73 -20.99 1.95
N PRO B 222 -44.48 -21.61 1.04
CA PRO B 222 -45.56 -20.92 0.34
C PRO B 222 -46.62 -20.42 1.31
N LYS B 223 -47.50 -19.55 0.80
CA LYS B 223 -48.53 -18.88 1.58
C LYS B 223 -47.93 -18.10 2.75
N GLY C 15 16.37 16.73 14.77
CA GLY C 15 17.79 16.75 14.45
C GLY C 15 18.09 16.32 13.03
N LEU C 16 17.59 15.15 12.66
CA LEU C 16 17.75 14.69 11.28
C LEU C 16 16.86 15.48 10.33
N ALA C 17 15.64 15.79 10.75
CA ALA C 17 14.74 16.58 9.92
C ALA C 17 15.26 18.01 9.75
N ASP C 18 15.99 18.54 10.73
CA ASP C 18 16.52 19.89 10.61
C ASP C 18 17.60 19.98 9.55
N ALA C 19 18.38 18.92 9.37
CA ALA C 19 19.41 18.94 8.33
C ALA C 19 18.79 19.00 6.94
N LEU C 20 17.58 18.47 6.77
CA LEU C 20 16.93 18.42 5.48
C LEU C 20 16.03 19.64 5.21
N THR C 21 15.75 20.47 6.21
CA THR C 21 14.81 21.56 6.03
C THR C 21 15.33 22.90 6.55
N ALA C 22 16.11 22.88 7.62
CA ALA C 22 16.50 24.15 8.24
C ALA C 22 17.65 24.79 7.48
N PRO C 23 17.66 26.13 7.38
CA PRO C 23 18.78 26.81 6.71
C PRO C 23 20.05 26.81 7.54
N LEU C 24 21.14 27.32 6.98
CA LEU C 24 22.42 27.35 7.68
C LEU C 24 22.38 28.36 8.81
N ASP C 25 22.68 27.95 10.05
CA ASP C 25 22.89 28.94 11.16
C ASP C 25 24.39 28.89 11.44
N HIS C 26 25.02 30.00 11.83
CA HIS C 26 26.50 29.96 11.98
C HIS C 26 26.91 29.53 13.39
N LYS C 27 25.96 29.54 14.31
CA LYS C 27 26.22 29.13 15.71
C LYS C 27 26.02 27.63 15.77
N ASP C 28 25.52 27.06 14.67
CA ASP C 28 25.45 25.58 14.58
C ASP C 28 26.88 25.10 14.67
N LYS C 29 27.10 23.93 15.22
CA LYS C 29 28.51 23.56 15.49
C LYS C 29 29.08 22.90 14.22
N GLY C 30 30.36 23.12 13.93
CA GLY C 30 30.96 22.43 12.79
C GLY C 30 31.15 20.95 13.05
N LEU C 31 31.36 20.20 11.96
CA LEU C 31 31.43 20.71 10.60
C LEU C 31 30.06 21.16 10.07
N GLN C 32 29.97 22.37 9.53
CA GLN C 32 28.68 22.97 9.12
C GLN C 32 28.32 22.51 7.72
N SER C 33 29.30 22.27 6.83
CA SER C 33 29.01 21.94 5.44
C SER C 33 29.77 20.70 5.02
N LEU C 34 29.13 19.89 4.17
CA LEU C 34 29.75 18.70 3.60
C LEU C 34 29.31 18.61 2.15
N THR C 35 30.23 18.92 1.23
CA THR C 35 29.92 18.89 -0.19
C THR C 35 29.78 17.45 -0.67
N LEU C 36 28.65 17.14 -1.29
CA LEU C 36 28.38 15.80 -1.82
C LEU C 36 28.94 15.70 -3.22
N ASP C 37 30.16 15.16 -3.34
CA ASP C 37 30.78 14.96 -4.65
C ASP C 37 30.58 13.53 -5.10
N GLN C 38 31.28 12.58 -4.48
CA GLN C 38 31.16 11.18 -4.84
C GLN C 38 29.84 10.58 -4.38
N SER C 39 29.13 11.23 -3.47
CA SER C 39 27.88 10.65 -2.96
C SER C 39 26.75 10.81 -3.97
N VAL C 40 26.79 11.84 -4.80
CA VAL C 40 25.78 12.05 -5.88
C VAL C 40 26.51 12.30 -7.18
N ARG C 41 26.24 11.48 -8.18
CA ARG C 41 27.01 11.62 -9.44
C ARG C 41 26.35 12.65 -10.35
N LYS C 42 27.07 13.13 -11.33
CA LYS C 42 26.64 14.28 -12.17
C LYS C 42 25.16 14.42 -12.52
N ASN C 43 24.56 13.46 -13.19
CA ASN C 43 23.15 13.72 -13.59
C ASN C 43 22.20 12.97 -12.67
N GLU C 44 22.75 12.24 -11.70
CA GLU C 44 21.86 11.54 -10.78
C GLU C 44 21.17 12.54 -9.86
N LYS C 45 20.34 12.01 -8.98
CA LYS C 45 19.55 12.84 -8.07
C LYS C 45 19.28 12.04 -6.81
N LEU C 46 19.91 12.43 -5.70
CA LEU C 46 19.83 11.69 -4.45
C LEU C 46 18.79 12.33 -3.54
N LYS C 47 17.81 11.55 -3.10
CA LYS C 47 16.76 12.02 -2.21
C LYS C 47 16.96 11.41 -0.83
N LEU C 48 17.03 12.26 0.18
CA LEU C 48 17.22 11.84 1.57
C LEU C 48 15.95 12.08 2.36
N ALA C 49 15.55 11.11 3.17
CA ALA C 49 14.33 11.20 3.95
C ALA C 49 14.61 10.90 5.42
N ALA C 50 14.02 11.70 6.30
CA ALA C 50 14.11 11.47 7.74
C ALA C 50 12.85 12.05 8.38
N GLN C 51 12.13 11.22 9.12
CA GLN C 51 10.86 11.59 9.75
C GLN C 51 9.91 12.02 8.64
N GLY C 52 9.29 13.20 8.71
CA GLY C 52 8.44 13.68 7.65
C GLY C 52 9.12 14.55 6.62
N ALA C 53 10.40 14.84 6.81
CA ALA C 53 11.13 15.70 5.89
C ALA C 53 11.80 14.89 4.79
N GLU C 54 12.09 15.58 3.69
CA GLU C 54 12.85 14.99 2.59
C GLU C 54 13.46 16.11 1.77
N LYS C 55 14.65 15.86 1.21
CA LYS C 55 15.40 16.89 0.45
C LYS C 55 16.14 16.23 -0.69
N THR C 56 16.21 16.87 -1.83
CA THR C 56 16.85 16.39 -3.05
C THR C 56 18.21 17.05 -3.22
N TYR C 57 19.21 16.26 -3.61
CA TYR C 57 20.57 16.74 -3.77
C TYR C 57 21.10 16.40 -5.15
N GLY C 58 21.87 17.33 -5.74
CA GLY C 58 22.62 17.08 -6.93
C GLY C 58 24.12 17.09 -6.65
N ASN C 59 24.88 16.79 -7.70
CA ASN C 59 26.34 16.77 -7.57
C ASN C 59 26.86 18.17 -7.25
N GLY C 60 27.63 18.27 -6.17
CA GLY C 60 28.17 19.54 -5.73
C GLY C 60 27.32 20.27 -4.71
N ASP C 61 26.12 19.76 -4.41
CA ASP C 61 25.29 20.39 -3.40
C ASP C 61 25.81 20.08 -2.00
N SER C 62 25.43 20.93 -1.05
CA SER C 62 25.96 20.87 0.32
C SER C 62 24.92 20.25 1.25
N LEU C 63 25.38 19.33 2.10
CA LEU C 63 24.55 18.72 3.13
C LEU C 63 24.77 19.45 4.45
N ASN C 64 23.67 19.91 5.05
CA ASN C 64 23.73 20.71 6.28
C ASN C 64 24.07 19.79 7.45
N THR C 65 25.36 19.46 7.57
CA THR C 65 25.83 18.63 8.67
C THR C 65 25.84 19.37 10.00
N GLY C 66 25.67 20.69 9.99
CA GLY C 66 25.69 21.45 11.24
C GLY C 66 24.58 21.07 12.19
N LYS C 67 23.42 20.69 11.66
CA LYS C 67 22.31 20.25 12.50
C LYS C 67 22.47 18.84 13.03
N LEU C 68 23.46 18.10 12.55
CA LEU C 68 23.69 16.73 13.00
C LEU C 68 24.51 16.73 14.28
N LYS C 69 24.51 15.57 14.95
CA LYS C 69 25.24 15.41 16.20
C LYS C 69 26.68 15.01 15.90
N ASN C 70 27.60 15.54 16.70
CA ASN C 70 29.02 15.24 16.53
C ASN C 70 29.36 13.88 17.12
N ASP C 71 30.27 13.18 16.46
CA ASP C 71 30.77 11.87 16.93
C ASP C 71 29.65 10.85 17.02
N LYS C 72 28.70 10.92 16.10
CA LYS C 72 27.62 9.95 15.99
C LYS C 72 27.35 9.66 14.52
N VAL C 73 26.72 8.52 14.27
CA VAL C 73 26.30 8.13 12.92
C VAL C 73 24.85 8.52 12.74
N SER C 74 24.60 9.37 11.75
CA SER C 74 23.25 9.81 11.42
C SER C 74 22.71 8.98 10.25
N ARG C 75 21.43 8.60 10.34
CA ARG C 75 20.83 7.67 9.39
C ARG C 75 19.70 8.35 8.63
N PHE C 76 19.78 8.29 7.30
CA PHE C 76 18.74 8.77 6.42
C PHE C 76 18.35 7.65 5.46
N ASP C 77 17.05 7.55 5.16
CA ASP C 77 16.61 6.72 4.05
C ASP C 77 16.89 7.45 2.75
N PHE C 78 17.38 6.72 1.75
CA PHE C 78 17.79 7.36 0.51
C PHE C 78 17.27 6.57 -0.69
N ILE C 79 17.09 7.29 -1.79
CA ILE C 79 16.79 6.72 -3.10
C ILE C 79 17.58 7.51 -4.13
N ARG C 80 18.31 6.79 -4.99
CA ARG C 80 19.12 7.43 -6.03
C ARG C 80 18.44 7.22 -7.37
N GLN C 81 18.34 8.29 -8.16
CA GLN C 81 17.59 8.25 -9.40
C GLN C 81 18.33 9.03 -10.49
N ILE C 82 18.17 8.55 -11.72
CA ILE C 82 18.63 9.25 -12.92
C ILE C 82 17.53 9.08 -13.96
N GLU C 83 17.49 10.02 -14.90
CA GLU C 83 16.50 9.96 -16.01
C GLU C 83 17.19 9.49 -17.27
N VAL C 84 16.69 8.41 -17.86
CA VAL C 84 17.23 7.87 -19.13
C VAL C 84 16.12 8.01 -20.18
N ASP C 85 16.40 8.73 -21.28
CA ASP C 85 15.36 9.03 -22.31
C ASP C 85 14.26 9.86 -21.66
N GLY C 86 13.12 9.25 -21.35
CA GLY C 86 12.06 9.98 -20.62
C GLY C 86 11.49 9.09 -19.53
N GLN C 87 12.34 8.54 -18.66
CA GLN C 87 11.90 7.62 -17.58
C GLN C 87 12.86 7.74 -16.39
N LEU C 88 12.30 7.84 -15.18
CA LEU C 88 13.12 7.96 -13.95
C LEU C 88 13.33 6.53 -13.48
N ILE C 89 14.47 5.94 -13.81
CA ILE C 89 14.85 4.63 -13.28
C ILE C 89 15.41 4.84 -11.89
N THR C 90 15.03 3.97 -10.96
CA THR C 90 15.57 4.03 -9.60
C THR C 90 16.86 3.23 -9.58
N LEU C 91 17.99 3.94 -9.46
CA LEU C 91 19.28 3.27 -9.52
C LEU C 91 19.57 2.48 -8.25
N GLU C 92 19.16 3.00 -7.09
CA GLU C 92 19.62 2.46 -5.83
C GLU C 92 18.72 2.95 -4.70
N SER C 93 18.51 2.09 -3.71
CA SER C 93 17.68 2.39 -2.55
C SER C 93 18.28 1.73 -1.32
N GLY C 94 18.21 2.42 -0.19
CA GLY C 94 18.75 1.89 1.05
C GLY C 94 18.86 2.91 2.17
N GLU C 95 19.99 2.90 2.88
CA GLU C 95 20.22 3.79 4.01
C GLU C 95 21.48 4.62 3.77
N PHE C 96 21.39 5.91 4.06
CA PHE C 96 22.49 6.86 3.89
C PHE C 96 22.98 7.28 5.27
N GLN C 97 24.27 7.10 5.51
CA GLN C 97 24.87 7.32 6.83
C GLN C 97 25.89 8.44 6.78
N VAL C 98 25.91 9.25 7.84
CA VAL C 98 26.83 10.38 7.97
C VAL C 98 27.46 10.35 9.35
N TYR C 99 28.79 10.39 9.41
CA TYR C 99 29.52 10.59 10.65
C TYR C 99 30.16 11.96 10.64
N LYS C 100 29.89 12.75 11.67
CA LYS C 100 30.28 14.15 11.72
C LYS C 100 31.29 14.39 12.82
N GLN C 101 32.34 15.17 12.50
CA GLN C 101 33.28 15.65 13.49
C GLN C 101 33.41 17.16 13.38
N SER C 102 34.41 17.76 14.03
CA SER C 102 34.51 19.21 14.07
C SER C 102 35.08 19.78 12.79
N HIS C 103 36.05 19.09 12.17
CA HIS C 103 36.69 19.56 10.96
C HIS C 103 36.60 18.56 9.82
N SER C 104 35.87 17.47 9.99
CA SER C 104 35.79 16.43 8.98
C SER C 104 34.42 15.75 9.07
N ALA C 105 34.08 15.03 8.02
CA ALA C 105 32.84 14.25 7.95
C ALA C 105 32.94 13.30 6.77
N LEU C 106 32.27 12.15 6.90
CA LEU C 106 32.26 11.16 5.84
C LEU C 106 30.89 10.51 5.76
N THR C 107 30.53 10.08 4.56
CA THR C 107 29.23 9.46 4.29
C THR C 107 29.42 8.02 3.84
N ALA C 108 28.33 7.26 3.89
CA ALA C 108 28.34 5.87 3.50
C ALA C 108 26.94 5.46 3.06
N PHE C 109 26.88 4.46 2.18
CA PHE C 109 25.62 3.96 1.63
C PHE C 109 25.46 2.50 2.00
N GLN C 110 24.38 2.17 2.70
CA GLN C 110 23.98 0.80 2.94
C GLN C 110 22.87 0.48 1.93
N THR C 111 23.23 -0.27 0.89
CA THR C 111 22.27 -0.58 -0.16
CA THR C 111 22.28 -0.58 -0.17
C THR C 111 21.36 -1.72 0.26
N GLU C 112 20.11 -1.65 -0.20
CA GLU C 112 19.14 -2.71 -0.01
C GLU C 112 18.59 -3.24 -1.32
N GLN C 113 18.41 -2.38 -2.32
CA GLN C 113 18.04 -2.79 -3.67
C GLN C 113 18.76 -1.91 -4.68
N ILE C 114 19.12 -2.48 -5.83
CA ILE C 114 19.83 -1.75 -6.91
C ILE C 114 19.11 -2.03 -8.21
N GLN C 115 19.21 -1.17 -9.19
CA GLN C 115 18.64 -1.48 -10.54
CA GLN C 115 18.62 -1.51 -10.52
C GLN C 115 19.12 -2.81 -11.21
N ASP C 116 18.17 -3.60 -11.67
CA ASP C 116 18.48 -4.79 -12.51
C ASP C 116 19.12 -4.27 -13.80
N SER C 117 20.43 -4.47 -14.01
CA SER C 117 21.08 -3.89 -15.18
C SER C 117 20.52 -4.45 -16.48
N GLU C 118 20.04 -5.68 -16.47
CA GLU C 118 19.60 -6.35 -17.70
C GLU C 118 18.10 -6.33 -17.90
N HIS C 119 17.35 -5.65 -17.04
CA HIS C 119 15.91 -5.48 -17.20
C HIS C 119 15.54 -4.08 -16.72
N SER C 120 15.28 -3.18 -17.65
CA SER C 120 15.00 -1.80 -17.33
C SER C 120 13.69 -1.69 -16.53
N GLY C 121 13.74 -0.98 -15.38
CA GLY C 121 12.58 -0.72 -14.51
C GLY C 121 12.46 -1.72 -13.38
N LYS C 122 13.23 -2.81 -13.44
CA LYS C 122 13.14 -3.87 -12.43
C LYS C 122 14.16 -3.55 -11.34
N MET C 123 14.01 -4.12 -10.15
CA MET C 123 14.92 -3.90 -9.00
C MET C 123 15.29 -5.28 -8.46
N VAL C 124 16.52 -5.41 -7.95
CA VAL C 124 17.04 -6.68 -7.41
C VAL C 124 17.57 -6.40 -6.00
N ALA C 125 17.29 -7.24 -5.04
CA ALA C 125 17.81 -7.09 -3.68
C ALA C 125 19.29 -7.40 -3.67
N LYS C 126 20.08 -6.49 -3.06
CA LYS C 126 21.51 -6.66 -2.96
C LYS C 126 22.07 -5.69 -1.93
N ARG C 127 22.63 -6.21 -0.84
CA ARG C 127 23.13 -5.38 0.26
C ARG C 127 24.62 -5.18 0.11
N GLN C 128 25.02 -3.94 -0.20
CA GLN C 128 26.42 -3.52 -0.19
C GLN C 128 26.60 -2.44 0.85
N PHE C 129 27.85 -2.26 1.29
CA PHE C 129 28.24 -1.14 2.12
C PHE C 129 29.49 -0.52 1.54
N ARG C 130 29.41 0.77 1.20
CA ARG C 130 30.55 1.48 0.65
C ARG C 130 30.61 2.87 1.29
N ILE C 131 31.78 3.52 1.16
CA ILE C 131 31.98 4.89 1.72
C ILE C 131 31.79 5.88 0.58
N GLY C 132 31.12 7.01 0.84
CA GLY C 132 30.82 7.99 -0.23
C GLY C 132 31.79 9.15 -0.27
N ASP C 133 31.61 10.16 0.58
CA ASP C 133 32.45 11.39 0.48
C ASP C 133 33.21 11.66 1.79
N ILE C 134 34.54 11.72 1.74
CA ILE C 134 35.30 12.09 2.93
C ILE C 134 35.82 13.50 2.68
N ALA C 135 35.30 14.47 3.42
CA ALA C 135 35.63 15.87 3.18
C ALA C 135 35.77 16.58 4.52
N GLY C 136 36.13 17.86 4.45
CA GLY C 136 36.41 18.69 5.60
C GLY C 136 37.55 19.63 5.29
N GLU C 137 38.08 20.25 6.33
CA GLU C 137 39.21 21.16 6.20
C GLU C 137 40.50 20.33 6.19
N HIS C 138 40.94 19.96 5.00
CA HIS C 138 42.12 19.13 4.86
C HIS C 138 43.36 19.86 5.38
N THR C 139 44.12 19.19 6.24
CA THR C 139 45.40 19.72 6.70
C THR C 139 46.42 19.62 5.58
N SER C 140 46.97 20.76 5.18
CA SER C 140 48.02 20.76 4.16
C SER C 140 49.26 20.04 4.68
N PHE C 141 49.87 19.24 3.83
CA PHE C 141 51.03 18.45 4.25
C PHE C 141 52.19 19.34 4.68
N ASP C 142 52.32 20.53 4.08
CA ASP C 142 53.48 21.37 4.36
C ASP C 142 53.40 22.00 5.75
N LYS C 143 52.19 22.19 6.28
CA LYS C 143 51.99 22.87 7.55
C LYS C 143 51.47 21.92 8.63
N LEU C 144 51.92 20.68 8.59
CA LEU C 144 51.56 19.71 9.63
C LEU C 144 52.38 20.05 10.88
N PRO C 145 51.99 19.59 12.08
CA PRO C 145 52.84 19.77 13.27
C PRO C 145 54.24 19.25 12.99
N GLU C 146 55.23 20.12 13.19
CA GLU C 146 56.61 19.80 12.87
C GLU C 146 57.19 18.72 13.78
N GLY C 147 56.45 18.27 14.77
CA GLY C 147 56.91 17.19 15.63
C GLY C 147 55.85 16.83 16.64
N GLY C 148 56.21 15.95 17.56
CA GLY C 148 55.31 15.54 18.61
C GLY C 148 54.46 14.35 18.22
N ARG C 149 53.62 13.94 19.17
CA ARG C 149 52.82 12.73 19.01
C ARG C 149 51.41 13.00 19.51
N ALA C 150 50.43 12.80 18.61
CA ALA C 150 49.03 13.01 18.93
C ALA C 150 48.29 11.68 18.87
N THR C 151 47.34 11.50 19.77
CA THR C 151 46.52 10.29 19.84
C THR C 151 45.09 10.63 19.44
N TYR C 152 44.62 10.02 18.36
CA TYR C 152 43.25 10.18 17.89
C TYR C 152 42.41 8.98 18.32
N ARG C 153 41.21 9.25 18.79
CA ARG C 153 40.29 8.20 19.21
C ARG C 153 38.91 8.49 18.64
N GLY C 154 38.28 7.48 18.04
CA GLY C 154 37.00 7.68 17.39
C GLY C 154 36.25 6.40 17.08
N THR C 155 35.61 6.37 15.92
CA THR C 155 34.65 5.34 15.57
C THR C 155 35.05 4.65 14.27
N ALA C 156 34.82 3.34 14.21
CA ALA C 156 34.88 2.57 12.97
C ALA C 156 33.52 1.90 12.76
N PHE C 157 32.92 2.15 11.59
CA PHE C 157 31.59 1.63 11.31
C PHE C 157 31.56 0.94 9.95
N GLY C 158 30.90 -0.21 9.91
CA GLY C 158 30.69 -0.96 8.68
C GLY C 158 29.24 -1.32 8.49
N SER C 159 28.97 -2.38 7.73
CA SER C 159 27.60 -2.80 7.47
C SER C 159 26.92 -3.25 8.75
N ASP C 160 25.84 -2.58 9.13
CA ASP C 160 25.03 -2.93 10.29
C ASP C 160 25.82 -2.90 11.59
N ASP C 161 26.84 -2.04 11.67
CA ASP C 161 27.68 -1.97 12.87
C ASP C 161 28.35 -0.60 12.91
N ALA C 162 27.91 0.22 13.87
CA ALA C 162 28.51 1.53 14.09
C ALA C 162 29.23 1.63 15.44
N GLY C 163 29.61 0.49 16.03
CA GLY C 163 30.15 0.46 17.39
C GLY C 163 31.59 0.06 17.48
N GLY C 164 32.32 -0.10 16.38
CA GLY C 164 33.74 -0.39 16.45
C GLY C 164 34.57 0.84 16.80
N LYS C 165 35.71 0.61 17.46
CA LYS C 165 36.54 1.72 17.98
C LYS C 165 37.82 1.94 17.19
N LEU C 166 37.99 3.17 16.71
CA LEU C 166 39.22 3.55 16.02
C LEU C 166 40.14 4.15 17.06
N THR C 167 41.36 3.70 17.14
CA THR C 167 42.44 4.34 17.86
C THR C 167 43.61 4.51 16.89
N TYR C 168 44.14 5.73 16.81
CA TYR C 168 45.24 6.02 15.89
C TYR C 168 46.22 6.98 16.57
N THR C 169 47.49 6.82 16.25
CA THR C 169 48.55 7.67 16.78
C THR C 169 49.47 8.09 15.63
N ILE C 170 49.84 9.36 15.62
CA ILE C 170 50.69 9.92 14.58
C ILE C 170 51.93 10.49 15.24
N ASP C 171 53.10 10.02 14.79
CA ASP C 171 54.39 10.55 15.24
C ASP C 171 54.83 11.59 14.21
N PHE C 172 54.54 12.84 14.46
CA PHE C 172 54.81 13.92 13.50
C PHE C 172 56.31 14.13 13.33
N ALA C 173 57.16 13.68 14.26
CA ALA C 173 58.60 13.76 14.05
C ALA C 173 59.05 12.81 12.95
N ALA C 174 58.66 11.53 13.06
CA ALA C 174 58.93 10.55 12.02
C ALA C 174 57.92 10.60 10.89
N LYS C 175 56.84 11.38 11.03
CA LYS C 175 55.79 11.50 10.01
C LYS C 175 55.21 10.13 9.67
N GLN C 176 54.95 9.34 10.71
CA GLN C 176 54.46 7.97 10.63
C GLN C 176 53.07 7.91 11.25
N GLY C 177 52.46 6.73 11.21
CA GLY C 177 51.14 6.56 11.80
C GLY C 177 50.70 5.11 11.89
N ASN C 178 50.06 4.75 13.00
CA ASN C 178 49.57 3.40 13.20
C ASN C 178 48.39 3.45 14.18
N GLY C 179 47.50 2.47 14.04
CA GLY C 179 46.34 2.36 14.89
C GLY C 179 45.74 0.98 14.77
N LYS C 180 44.50 0.86 15.37
CA LYS C 180 43.79 -0.43 15.25
C LYS C 180 42.28 -0.23 15.32
N ILE C 181 41.53 -1.23 15.03
CA ILE C 181 40.09 -1.25 15.11
C ILE C 181 39.68 -2.34 16.09
N GLU C 182 38.72 -2.02 16.95
CA GLU C 182 38.26 -2.94 17.98
C GLU C 182 36.74 -2.84 18.11
N HIS C 183 36.16 -3.90 18.68
CA HIS C 183 34.78 -3.99 19.15
C HIS C 183 33.75 -4.08 18.03
N LEU C 184 34.16 -4.21 16.77
CA LEU C 184 33.21 -4.52 15.72
C LEU C 184 32.68 -5.94 15.91
N LYS C 185 31.40 -6.14 15.60
CA LYS C 185 30.76 -7.42 15.87
C LYS C 185 31.39 -8.54 15.05
N SER C 186 31.94 -8.23 13.88
CA SER C 186 32.59 -9.23 13.04
C SER C 186 34.08 -9.31 13.40
N PRO C 187 34.57 -10.43 13.89
CA PRO C 187 35.97 -10.47 14.36
C PRO C 187 37.00 -10.29 13.25
N GLU C 188 36.69 -10.67 12.00
CA GLU C 188 37.62 -10.43 10.91
C GLU C 188 37.90 -8.94 10.70
N LEU C 189 37.02 -8.08 11.19
CA LEU C 189 37.10 -6.65 10.90
C LEU C 189 37.93 -5.87 11.90
N ASN C 190 38.07 -6.37 13.14
CA ASN C 190 38.88 -5.72 14.16
C ASN C 190 40.35 -5.98 13.84
N VAL C 191 40.89 -5.16 12.95
CA VAL C 191 42.22 -5.34 12.40
C VAL C 191 43.15 -4.26 12.94
N ASP C 192 44.45 -4.46 12.72
CA ASP C 192 45.45 -3.45 13.01
C ASP C 192 45.72 -2.63 11.76
N LEU C 193 45.82 -1.31 11.95
CA LEU C 193 46.21 -0.40 10.88
C LEU C 193 47.73 -0.24 10.93
N ALA C 194 48.43 -0.86 9.98
CA ALA C 194 49.88 -0.96 10.02
C ALA C 194 50.53 0.42 9.92
N ALA C 195 51.78 0.49 10.35
CA ALA C 195 52.55 1.72 10.26
C ALA C 195 52.74 2.13 8.81
N ALA C 196 52.57 3.42 8.54
CA ALA C 196 52.65 3.94 7.18
C ALA C 196 53.11 5.39 7.22
N ASP C 197 53.50 5.89 6.06
CA ASP C 197 54.04 7.23 5.92
C ASP C 197 52.94 8.26 5.73
N ILE C 198 53.22 9.48 6.13
CA ILE C 198 52.38 10.63 5.81
C ILE C 198 52.93 11.22 4.51
N LYS C 199 52.22 11.00 3.41
CA LYS C 199 52.70 11.44 2.08
C LYS C 199 51.84 12.61 1.65
N PRO C 200 52.29 13.48 0.72
CA PRO C 200 51.42 14.51 0.21
C PRO C 200 50.53 14.01 -0.91
N ASP C 201 49.33 14.57 -1.05
CA ASP C 201 48.34 14.21 -2.10
C ASP C 201 48.70 15.03 -3.33
N GLY C 202 47.91 14.93 -4.41
CA GLY C 202 48.09 15.78 -5.60
C GLY C 202 47.63 17.17 -5.25
N LYS C 203 46.57 17.31 -4.42
CA LYS C 203 46.15 18.60 -3.92
C LYS C 203 46.89 18.98 -2.64
N ARG C 204 48.04 18.36 -2.38
CA ARG C 204 48.87 18.65 -1.20
C ARG C 204 48.12 18.35 0.08
N HIS C 205 47.03 17.59 0.08
CA HIS C 205 46.42 17.15 1.33
C HIS C 205 47.33 16.13 2.00
N ALA C 206 47.25 16.08 3.32
CA ALA C 206 48.05 15.13 4.10
C ALA C 206 47.29 13.81 4.20
N VAL C 207 47.85 12.76 3.61
CA VAL C 207 47.21 11.45 3.58
C VAL C 207 48.15 10.42 4.19
N ILE C 208 47.56 9.28 4.58
CA ILE C 208 48.30 8.14 5.10
C ILE C 208 47.69 6.89 4.48
N SER C 209 48.47 6.20 3.64
CA SER C 209 48.03 4.97 2.99
C SER C 209 48.90 3.83 3.50
N GLY C 210 48.27 2.84 4.13
CA GLY C 210 49.01 1.74 4.72
C GLY C 210 48.26 0.43 4.61
N SER C 211 48.86 -0.62 5.17
CA SER C 211 48.31 -1.96 5.09
C SER C 211 47.38 -2.26 6.25
N VAL C 212 46.46 -3.18 6.07
CA VAL C 212 45.59 -3.67 7.16
C VAL C 212 46.31 -4.94 7.54
N LEU C 213 46.42 -5.24 8.82
CA LEU C 213 47.15 -6.42 9.30
C LEU C 213 46.22 -7.21 10.20
N TYR C 214 46.50 -8.47 10.39
CA TYR C 214 45.65 -9.34 11.21
C TYR C 214 46.53 -10.56 11.54
N ASN C 215 47.27 -10.46 12.65
CA ASN C 215 48.38 -11.37 12.98
C ASN C 215 49.54 -11.20 11.98
N GLN C 216 49.88 -9.94 11.70
CA GLN C 216 51.05 -9.57 10.90
C GLN C 216 51.00 -10.19 9.50
N ALA C 217 49.83 -10.12 8.88
CA ALA C 217 49.66 -10.59 7.51
C ALA C 217 48.69 -9.67 6.79
N GLU C 218 48.82 -9.57 5.48
CA GLU C 218 48.01 -8.63 4.69
C GLU C 218 46.56 -9.10 4.68
N LYS C 219 45.61 -8.29 5.17
CA LYS C 219 44.17 -8.50 5.14
C LYS C 219 43.45 -7.31 4.54
N GLY C 220 44.15 -6.47 3.79
CA GLY C 220 43.55 -5.33 3.14
C GLY C 220 44.41 -4.08 3.15
N SER C 221 43.78 -2.91 3.09
CA SER C 221 44.49 -1.65 3.08
C SER C 221 43.57 -0.56 3.59
N TYR C 222 44.18 0.51 4.10
CA TYR C 222 43.43 1.65 4.63
C TYR C 222 44.06 2.93 4.14
N SER C 223 43.32 4.03 4.27
CA SER C 223 43.81 5.35 3.92
C SER C 223 43.08 6.39 4.74
N LEU C 224 43.83 7.28 5.37
CA LEU C 224 43.27 8.36 6.18
C LEU C 224 43.79 9.71 5.67
N GLY C 225 42.94 10.72 5.81
CA GLY C 225 43.34 12.10 5.60
C GLY C 225 43.35 12.81 6.93
N ILE C 226 44.24 13.79 7.07
CA ILE C 226 44.35 14.58 8.29
C ILE C 226 43.57 15.87 8.10
N PHE C 227 42.76 16.21 9.09
CA PHE C 227 41.85 17.34 8.99
C PHE C 227 42.04 18.30 10.14
N GLY C 228 41.68 19.56 9.91
CA GLY C 228 41.87 20.62 10.88
C GLY C 228 43.20 21.32 10.72
N GLY C 229 43.20 22.62 11.00
CA GLY C 229 44.42 23.40 10.89
C GLY C 229 45.52 22.96 11.84
N LYS C 230 45.15 22.29 12.94
CA LYS C 230 46.11 21.79 13.92
C LYS C 230 46.21 20.27 13.90
N ALA C 231 45.80 19.64 12.79
CA ALA C 231 45.78 18.18 12.67
C ALA C 231 44.94 17.56 13.79
N GLN C 232 43.79 18.16 14.08
CA GLN C 232 42.98 17.69 15.20
C GLN C 232 42.32 16.36 14.91
N GLU C 233 42.05 16.05 13.64
CA GLU C 233 41.25 14.87 13.31
C GLU C 233 41.84 14.15 12.10
N VAL C 234 41.54 12.86 12.03
CA VAL C 234 41.81 12.03 10.87
C VAL C 234 40.50 11.37 10.45
N ALA C 235 40.39 11.04 9.16
CA ALA C 235 39.17 10.44 8.64
C ALA C 235 39.48 9.75 7.32
N GLY C 236 38.95 8.54 7.17
CA GLY C 236 39.18 7.76 5.96
C GLY C 236 38.43 6.46 5.96
N SER C 237 38.97 5.44 5.28
CA SER C 237 38.28 4.17 5.15
C SER C 237 39.31 3.05 5.12
N ALA C 238 38.85 1.86 5.50
CA ALA C 238 39.65 0.65 5.45
C ALA C 238 38.95 -0.39 4.59
N GLU C 239 39.68 -0.94 3.62
CA GLU C 239 39.23 -2.09 2.84
C GLU C 239 39.87 -3.33 3.46
N VAL C 240 39.03 -4.26 3.91
CA VAL C 240 39.51 -5.41 4.66
C VAL C 240 39.08 -6.67 3.93
N LYS C 241 40.04 -7.35 3.30
CA LYS C 241 39.83 -8.68 2.76
C LYS C 241 39.27 -9.60 3.82
N THR C 242 38.11 -10.18 3.55
CA THR C 242 37.56 -11.24 4.39
C THR C 242 37.29 -12.47 3.53
N VAL C 243 36.82 -13.53 4.18
CA VAL C 243 36.56 -14.78 3.47
C VAL C 243 35.36 -14.66 2.54
N ASN C 244 34.46 -13.72 2.80
CA ASN C 244 33.28 -13.52 1.96
C ASN C 244 33.37 -12.24 1.14
N GLY C 245 34.58 -11.78 0.86
CA GLY C 245 34.81 -10.64 0.01
C GLY C 245 35.29 -9.42 0.79
N ILE C 246 35.40 -8.31 0.06
CA ILE C 246 35.86 -7.07 0.66
C ILE C 246 34.75 -6.48 1.52
N ARG C 247 35.12 -5.94 2.67
CA ARG C 247 34.21 -5.21 3.54
C ARG C 247 34.81 -3.83 3.82
N HIS C 248 34.04 -2.79 3.56
CA HIS C 248 34.49 -1.42 3.71
C HIS C 248 34.07 -0.89 5.07
N ILE C 249 34.99 -0.24 5.77
CA ILE C 249 34.75 0.30 7.10
C ILE C 249 35.09 1.78 7.08
N GLY C 250 34.15 2.62 7.54
CA GLY C 250 34.44 4.02 7.70
C GLY C 250 35.25 4.29 8.95
N LEU C 251 36.13 5.29 8.89
CA LEU C 251 37.06 5.60 9.98
C LEU C 251 36.99 7.10 10.25
N ALA C 252 36.96 7.51 11.51
CA ALA C 252 37.00 8.91 11.91
C ALA C 252 37.40 8.98 13.37
N ALA C 253 38.35 9.87 13.69
CA ALA C 253 38.84 10.00 15.05
C ALA C 253 39.33 11.43 15.27
N LYS C 254 39.46 11.81 16.54
CA LYS C 254 39.87 13.15 16.91
C LYS C 254 40.76 13.09 18.13
N GLN C 255 41.53 14.16 18.34
CA GLN C 255 42.30 14.30 19.56
C GLN C 255 41.40 14.80 20.69
N LEU C 256 41.95 14.78 21.91
CA LEU C 256 41.20 15.20 23.08
C LEU C 256 41.37 16.71 23.32
#